data_2B08
#
_entry.id   2B08
#
_cell.length_a   60.972
_cell.length_b   102.047
_cell.length_c   146.423
_cell.angle_alpha   90.00
_cell.angle_beta   90.00
_cell.angle_gamma   90.00
#
_symmetry.space_group_name_H-M   'P 21 21 21'
#
loop_
_entity.id
_entity.type
_entity.pdbx_description
1 polymer 'Copper-containing nitrite reductase'
2 non-polymer 'COPPER (I) ION'
3 non-polymer ACETAMIDE
4 water water
#
_entity_poly.entity_id   1
_entity_poly.type   'polypeptide(L)'
_entity_poly.pdbx_seq_one_letter_code
;VRKATAAEIAALPRQKVELVDPPFVHAHSQVAEGGPKVVEFTMVIEEKKIVIDDAGTEVHAMAFNGTVPGPLMVVHQDDY
LELTLINPETNTLMHNIDFHAATGALGGGGLTEINPGEKTILRFKATKPGVFVYHCAPPGMVPWHVVSGGNGAIMVLPRE
GLHDGKGKALTYDKIYYVGEQDFYVPRDENGKYKKYEAPGDAYEDTVKVMRTLTPTHVVFNGAVGALTGDKAMTAAVGEK
VLIVHSQANRDTRPHLIGGHGDYVWATGKFNTPPDVDQETWFIPGGAAGAAFYTFQQPGIYAYVNHNLIEAFELGAAAHF
KVTGEWNDDLMTSVLAPSGT
;
_entity_poly.pdbx_strand_id   A,B,C
#
# COMPACT_ATOMS: atom_id res chain seq x y z
N THR A 5 18.38 -34.69 12.06
CA THR A 5 18.16 -35.51 13.31
C THR A 5 18.74 -34.76 14.52
N ALA A 6 18.40 -35.22 15.72
CA ALA A 6 18.88 -34.64 16.98
C ALA A 6 20.42 -34.43 17.00
N ALA A 7 21.15 -35.46 16.58
CA ALA A 7 22.60 -35.40 16.53
C ALA A 7 23.10 -34.39 15.49
N GLU A 8 22.43 -34.32 14.35
CA GLU A 8 22.81 -33.44 13.25
C GLU A 8 22.76 -31.97 13.67
N ILE A 9 21.71 -31.61 14.41
CA ILE A 9 21.55 -30.26 14.90
C ILE A 9 22.59 -30.02 15.98
N ALA A 10 22.70 -30.98 16.91
CA ALA A 10 23.68 -30.90 18.01
C ALA A 10 25.12 -30.74 17.50
N ALA A 11 25.40 -31.28 16.33
CA ALA A 11 26.76 -31.28 15.77
C ALA A 11 27.13 -30.07 14.89
N LEU A 12 26.12 -29.30 14.48
CA LEU A 12 26.34 -28.10 13.67
C LEU A 12 27.24 -27.08 14.39
N PRO A 13 28.12 -26.40 13.62
CA PRO A 13 28.97 -25.36 14.21
C PRO A 13 28.13 -24.27 14.87
N ARG A 14 28.63 -23.75 15.99
CA ARG A 14 28.10 -22.59 16.69
C ARG A 14 29.05 -21.41 16.47
N GLN A 15 28.51 -20.24 16.11
CA GLN A 15 29.31 -19.03 15.85
C GLN A 15 28.72 -17.74 16.45
N LYS A 16 29.48 -17.12 17.35
CA LYS A 16 29.15 -15.84 17.97
C LYS A 16 29.50 -14.65 17.08
N VAL A 17 28.53 -13.75 16.86
CA VAL A 17 28.73 -12.53 16.08
C VAL A 17 28.48 -11.29 16.94
N GLU A 18 29.32 -10.27 16.77
CA GLU A 18 29.18 -8.99 17.46
C GLU A 18 28.32 -8.06 16.63
N LEU A 19 27.30 -7.47 17.24
CA LEU A 19 26.38 -6.60 16.54
C LEU A 19 26.98 -5.22 16.39
N VAL A 20 26.53 -4.48 15.38
CA VAL A 20 26.86 -3.07 15.25
C VAL A 20 25.57 -2.26 15.12
N ASP A 21 25.64 -0.98 15.49
CA ASP A 21 24.45 -0.13 15.46
C ASP A 21 24.02 0.27 14.05
N PRO A 22 22.69 0.31 13.83
CA PRO A 22 22.20 0.88 12.60
C PRO A 22 22.72 2.33 12.41
N PRO A 23 22.87 2.77 11.15
CA PRO A 23 22.53 2.07 9.91
C PRO A 23 23.55 1.04 9.39
N PHE A 24 24.61 0.80 10.14
CA PHE A 24 25.64 -0.17 9.76
C PHE A 24 25.19 -1.58 10.12
N VAL A 25 25.91 -2.53 9.55
CA VAL A 25 25.55 -3.95 9.63
C VAL A 25 26.82 -4.71 9.95
N HIS A 26 26.71 -5.69 10.84
CA HIS A 26 27.84 -6.50 11.26
C HIS A 26 28.44 -7.25 10.06
N ALA A 27 29.72 -7.58 10.19
CA ALA A 27 30.45 -8.47 9.29
C ALA A 27 29.66 -9.69 8.89
N HIS A 28 29.55 -9.90 7.58
CA HIS A 28 28.90 -11.09 7.04
C HIS A 28 29.40 -11.37 5.62
N SER A 29 29.17 -12.58 5.16
CA SER A 29 29.46 -12.92 3.77
C SER A 29 28.14 -13.08 3.01
N GLN A 30 28.10 -12.62 1.77
CA GLN A 30 26.88 -12.70 0.97
C GLN A 30 26.58 -14.15 0.58
N VAL A 31 27.60 -14.84 0.06
CA VAL A 31 27.55 -16.29 -0.16
C VAL A 31 27.88 -17.00 1.15
N ALA A 32 27.04 -17.97 1.53
CA ALA A 32 27.26 -18.73 2.74
C ALA A 32 28.52 -19.57 2.61
N GLU A 33 29.21 -19.68 3.74
CA GLU A 33 30.52 -20.33 3.84
C GLU A 33 30.35 -21.61 4.66
N GLY A 34 30.46 -22.74 3.98
CA GLY A 34 30.19 -24.03 4.60
C GLY A 34 28.71 -24.33 4.58
N GLY A 35 28.32 -25.31 5.39
CA GLY A 35 26.94 -25.71 5.51
C GLY A 35 26.28 -24.87 6.58
N PRO A 36 25.06 -25.27 7.00
CA PRO A 36 24.28 -24.63 8.07
C PRO A 36 25.05 -24.37 9.38
N LYS A 37 24.83 -23.20 9.96
CA LYS A 37 25.48 -22.77 11.20
C LYS A 37 24.44 -22.36 12.20
N VAL A 38 24.76 -22.45 13.48
CA VAL A 38 24.00 -21.83 14.54
C VAL A 38 24.71 -20.49 14.80
N VAL A 39 24.10 -19.39 14.36
CA VAL A 39 24.68 -18.04 14.50
C VAL A 39 24.13 -17.42 15.78
N GLU A 40 25.05 -17.08 16.68
CA GLU A 40 24.72 -16.64 18.02
C GLU A 40 24.82 -15.12 18.17
N PHE A 41 23.73 -14.53 18.66
CA PHE A 41 23.65 -13.09 18.93
C PHE A 41 23.21 -12.88 20.36
N THR A 42 23.66 -11.77 20.95
CA THR A 42 23.19 -11.35 22.27
C THR A 42 22.77 -9.89 22.19
N MET A 43 21.59 -9.61 22.76
CA MET A 43 21.07 -8.25 22.88
C MET A 43 20.51 -8.03 24.27
N VAL A 44 20.87 -6.88 24.83
CA VAL A 44 20.36 -6.42 26.10
C VAL A 44 19.29 -5.38 25.74
N ILE A 45 18.10 -5.52 26.31
CA ILE A 45 17.01 -4.56 26.06
C ILE A 45 17.27 -3.42 27.00
N GLU A 46 17.34 -2.20 26.47
CA GLU A 46 17.50 -1.03 27.30
C GLU A 46 16.24 -0.14 27.27
N GLU A 47 15.59 0.02 28.42
CA GLU A 47 14.63 1.09 28.62
C GLU A 47 15.43 2.37 28.87
N LYS A 48 15.30 3.35 27.98
CA LYS A 48 16.06 4.62 28.11
C LYS A 48 15.33 5.80 27.47
N LYS A 49 15.55 7.01 28.01
CA LYS A 49 15.02 8.23 27.43
C LYS A 49 15.86 8.62 26.22
N ILE A 50 15.21 8.90 25.11
CA ILE A 50 15.91 9.33 23.92
C ILE A 50 15.28 10.65 23.48
N VAL A 51 16.07 11.49 22.83
CA VAL A 51 15.57 12.72 22.24
C VAL A 51 15.39 12.53 20.72
N ILE A 52 14.20 12.84 20.24
CA ILE A 52 13.84 12.46 18.87
C ILE A 52 13.75 13.62 17.86
N ASP A 53 13.87 14.86 18.33
CA ASP A 53 13.80 16.01 17.44
C ASP A 53 14.67 17.19 17.93
N ASP A 54 14.67 18.29 17.17
CA ASP A 54 15.46 19.48 17.49
C ASP A 54 14.86 20.37 18.59
N ALA A 55 13.68 20.00 19.10
CA ALA A 55 13.05 20.77 20.16
C ALA A 55 13.20 20.06 21.51
N GLY A 56 14.05 19.03 21.54
CA GLY A 56 14.29 18.25 22.78
C GLY A 56 13.17 17.32 23.20
N THR A 57 12.34 16.90 22.24
CA THR A 57 11.23 15.99 22.54
C THR A 57 11.74 14.63 22.98
N GLU A 58 11.23 14.15 24.10
CA GLU A 58 11.65 12.90 24.73
C GLU A 58 10.65 11.76 24.61
N VAL A 59 11.18 10.54 24.46
CA VAL A 59 10.39 9.31 24.47
C VAL A 59 11.10 8.33 25.41
N HIS A 60 10.34 7.59 26.23
CA HIS A 60 10.88 6.46 26.96
C HIS A 60 10.89 5.31 25.94
N ALA A 61 12.06 5.06 25.37
CA ALA A 61 12.19 4.05 24.32
C ALA A 61 12.49 2.68 24.91
N MET A 62 12.10 1.65 24.18
CA MET A 62 12.49 0.27 24.45
C MET A 62 13.48 -0.06 23.34
N ALA A 63 14.75 -0.18 23.69
CA ALA A 63 15.79 -0.21 22.68
C ALA A 63 16.58 -1.51 22.76
N PHE A 64 16.28 -2.40 21.82
CA PHE A 64 17.06 -3.64 21.64
C PHE A 64 18.52 -3.23 21.41
N ASN A 65 19.42 -3.67 22.28
CA ASN A 65 20.85 -3.42 22.15
C ASN A 65 21.19 -1.92 22.30
N GLY A 66 20.30 -1.16 22.96
CA GLY A 66 20.49 0.29 23.17
C GLY A 66 20.15 1.20 22.00
N THR A 67 19.62 0.67 20.89
CA THR A 67 19.31 1.48 19.71
C THR A 67 17.89 1.35 19.19
N VAL A 68 17.47 2.40 18.47
CA VAL A 68 16.21 2.46 17.71
C VAL A 68 16.49 2.82 16.24
N PRO A 69 16.29 1.85 15.31
CA PRO A 69 15.76 0.47 15.51
C PRO A 69 16.83 -0.37 16.23
N GLY A 70 16.48 -1.57 16.66
CA GLY A 70 17.48 -2.50 17.10
C GLY A 70 18.33 -2.92 15.89
N PRO A 71 19.48 -3.53 16.15
CA PRO A 71 20.43 -3.87 15.08
C PRO A 71 19.93 -4.93 14.10
N LEU A 72 20.47 -4.89 12.88
CA LEU A 72 20.19 -5.91 11.87
C LEU A 72 21.02 -7.16 12.17
N MET A 73 20.35 -8.30 12.26
CA MET A 73 21.04 -9.59 12.35
C MET A 73 21.03 -10.27 10.98
N VAL A 74 22.17 -10.82 10.58
CA VAL A 74 22.32 -11.40 9.25
C VAL A 74 22.76 -12.87 9.37
N VAL A 75 21.96 -13.75 8.77
CA VAL A 75 22.25 -15.15 8.68
C VAL A 75 21.92 -15.60 7.27
N HIS A 76 22.12 -16.88 7.01
CA HIS A 76 21.78 -17.48 5.71
C HIS A 76 20.64 -18.47 5.84
N GLN A 77 19.92 -18.68 4.74
CA GLN A 77 18.82 -19.66 4.72
C GLN A 77 19.27 -21.01 5.28
N ASP A 78 18.48 -21.53 6.20
CA ASP A 78 18.72 -22.81 6.90
C ASP A 78 19.83 -22.82 7.94
N ASP A 79 20.43 -21.66 8.19
CA ASP A 79 21.16 -21.42 9.45
C ASP A 79 20.12 -21.39 10.54
N TYR A 80 20.58 -21.56 11.77
CA TYR A 80 19.74 -21.27 12.91
C TYR A 80 20.24 -19.95 13.49
N LEU A 81 19.28 -19.14 13.95
CA LEU A 81 19.57 -17.92 14.67
C LEU A 81 19.31 -18.20 16.15
N GLU A 82 20.36 -18.04 16.94
CA GLU A 82 20.25 -18.33 18.37
C GLU A 82 20.50 -17.05 19.17
N LEU A 83 19.42 -16.47 19.69
CA LEU A 83 19.52 -15.19 20.38
C LEU A 83 19.44 -15.36 21.88
N THR A 84 20.43 -14.76 22.56
CA THR A 84 20.36 -14.56 24.00
C THR A 84 19.83 -13.15 24.23
N LEU A 85 18.68 -13.09 24.90
CA LEU A 85 18.00 -11.82 25.13
C LEU A 85 17.96 -11.54 26.62
N ILE A 86 18.46 -10.35 27.02
CA ILE A 86 18.68 -10.02 28.44
C ILE A 86 17.87 -8.78 28.83
N ASN A 87 17.15 -8.87 29.94
CA ASN A 87 16.34 -7.77 30.45
C ASN A 87 16.88 -7.34 31.82
N PRO A 88 17.65 -6.23 31.86
CA PRO A 88 18.36 -5.85 33.08
C PRO A 88 17.42 -5.57 34.23
N GLU A 89 17.86 -5.89 35.45
CA GLU A 89 17.06 -5.62 36.66
C GLU A 89 16.71 -4.12 36.82
N THR A 90 17.47 -3.25 36.16
CA THR A 90 17.17 -1.81 36.17
C THR A 90 15.96 -1.42 35.29
N ASN A 91 15.53 -2.31 34.39
CA ASN A 91 14.31 -2.10 33.62
C ASN A 91 13.03 -2.24 34.50
N THR A 92 11.93 -1.71 34.03
CA THR A 92 10.69 -1.73 34.78
C THR A 92 9.66 -2.71 34.18
N LEU A 93 9.83 -3.03 32.90
CA LEU A 93 8.81 -3.81 32.17
C LEU A 93 9.32 -5.16 31.72
N MET A 94 8.37 -6.07 31.55
CA MET A 94 8.60 -7.33 30.86
C MET A 94 8.75 -7.04 29.36
N HIS A 95 9.65 -7.77 28.69
CA HIS A 95 9.80 -7.70 27.23
C HIS A 95 9.93 -9.12 26.68
N ASN A 96 9.73 -9.24 25.36
CA ASN A 96 9.95 -10.48 24.64
C ASN A 96 10.34 -10.13 23.20
N ILE A 97 10.39 -11.12 22.32
CA ILE A 97 10.74 -10.85 20.93
C ILE A 97 9.94 -11.73 19.96
N ASP A 98 9.35 -11.10 18.94
CA ASP A 98 8.70 -11.80 17.81
C ASP A 98 9.58 -11.63 16.54
N PHE A 99 10.15 -12.73 16.07
CA PHE A 99 10.87 -12.77 14.80
C PHE A 99 9.89 -13.16 13.69
N HIS A 100 9.54 -12.21 12.82
CA HIS A 100 8.76 -12.57 11.62
C HIS A 100 9.42 -13.64 10.75
N ALA A 101 10.75 -13.81 10.88
CA ALA A 101 11.46 -14.82 10.13
C ALA A 101 11.20 -16.24 10.65
N ALA A 102 10.68 -16.35 11.89
CA ALA A 102 10.59 -17.61 12.62
C ALA A 102 9.19 -18.24 12.54
N THR A 103 9.12 -19.53 12.85
CA THR A 103 7.86 -20.28 12.84
C THR A 103 7.55 -20.86 14.22
N GLY A 104 6.42 -20.44 14.79
CA GLY A 104 5.94 -20.98 16.08
C GLY A 104 5.89 -19.94 17.18
N ALA A 105 5.06 -20.24 18.20
CA ALA A 105 4.99 -19.44 19.44
C ALA A 105 5.04 -17.93 19.20
N LEU A 106 4.21 -17.46 18.26
CA LEU A 106 4.04 -16.04 17.94
C LEU A 106 5.41 -15.45 17.61
N GLY A 107 6.18 -16.17 16.79
CA GLY A 107 7.48 -15.69 16.28
C GLY A 107 8.61 -15.80 17.28
N GLY A 108 8.33 -16.45 18.40
CA GLY A 108 9.25 -16.52 19.54
C GLY A 108 8.72 -15.82 20.78
N GLY A 109 7.75 -14.93 20.62
CA GLY A 109 7.27 -14.08 21.74
C GLY A 109 6.74 -14.88 22.93
N GLY A 110 6.10 -16.00 22.65
CA GLY A 110 5.57 -16.91 23.66
C GLY A 110 6.64 -17.64 24.45
N LEU A 111 7.86 -17.68 23.95
CA LEU A 111 8.97 -18.37 24.62
C LEU A 111 10.00 -17.43 25.25
N THR A 112 9.80 -16.10 25.11
CA THR A 112 10.85 -15.14 25.44
C THR A 112 10.41 -14.02 26.40
N GLU A 113 9.32 -14.25 27.11
CA GLU A 113 8.84 -13.27 28.06
C GLU A 113 9.79 -13.19 29.27
N ILE A 114 10.55 -12.11 29.33
CA ILE A 114 11.55 -11.97 30.36
C ILE A 114 11.28 -10.71 31.19
N ASN A 115 11.10 -10.92 32.50
CA ASN A 115 11.00 -9.83 33.47
C ASN A 115 12.37 -9.21 33.71
N PRO A 116 12.41 -7.98 34.27
CA PRO A 116 13.66 -7.39 34.68
C PRO A 116 14.43 -8.34 35.61
N GLY A 117 15.71 -8.55 35.32
CA GLY A 117 16.54 -9.53 36.02
C GLY A 117 16.47 -10.92 35.40
N GLU A 118 15.81 -11.03 34.25
CA GLU A 118 15.82 -12.31 33.54
C GLU A 118 16.48 -12.23 32.17
N LYS A 119 16.90 -13.40 31.71
CA LYS A 119 17.33 -13.62 30.33
C LYS A 119 16.71 -14.91 29.76
N THR A 120 16.88 -15.08 28.46
CA THR A 120 16.36 -16.24 27.71
C THR A 120 17.23 -16.45 26.47
N ILE A 121 17.24 -17.68 25.99
CA ILE A 121 17.91 -18.02 24.76
C ILE A 121 16.92 -18.73 23.87
N LEU A 122 16.73 -18.17 22.69
CA LEU A 122 15.80 -18.69 21.69
C LEU A 122 16.62 -19.09 20.48
N ARG A 123 16.35 -20.29 19.96
CA ARG A 123 16.88 -20.71 18.68
C ARG A 123 15.73 -20.97 17.69
N PHE A 124 15.87 -20.45 16.49
CA PHE A 124 14.94 -20.82 15.41
C PHE A 124 15.69 -21.05 14.12
N LYS A 125 15.10 -21.85 13.27
CA LYS A 125 15.68 -22.15 11.96
C LYS A 125 15.17 -21.13 10.95
N ALA A 126 16.11 -20.49 10.25
CA ALA A 126 15.78 -19.43 9.30
C ALA A 126 15.45 -20.06 7.95
N THR A 127 14.22 -20.56 7.83
CA THR A 127 13.84 -21.40 6.69
C THR A 127 13.55 -20.61 5.40
N LYS A 128 13.26 -19.33 5.50
CA LYS A 128 12.85 -18.59 4.32
C LYS A 128 13.74 -17.35 4.12
N PRO A 129 14.25 -17.15 2.89
CA PRO A 129 15.17 -16.07 2.59
C PRO A 129 14.47 -14.71 2.45
N GLY A 130 15.03 -13.68 3.08
CA GLY A 130 14.51 -12.34 2.94
C GLY A 130 14.92 -11.47 4.11
N VAL A 131 14.47 -10.22 4.08
CA VAL A 131 14.53 -9.32 5.22
C VAL A 131 13.17 -9.42 5.95
N PHE A 132 13.23 -9.44 7.28
CA PHE A 132 12.05 -9.67 8.12
C PHE A 132 12.15 -8.76 9.33
N VAL A 133 11.02 -8.16 9.69
CA VAL A 133 10.91 -7.46 10.95
C VAL A 133 11.09 -8.39 12.17
N TYR A 134 11.68 -7.85 13.24
CA TYR A 134 11.45 -8.38 14.57
C TYR A 134 10.94 -7.25 15.45
N HIS A 135 10.13 -7.60 16.46
CA HIS A 135 9.69 -6.60 17.45
C HIS A 135 9.31 -7.23 18.79
N CYS A 136 9.31 -6.40 19.83
CA CYS A 136 8.79 -6.77 21.12
C CYS A 136 7.27 -6.90 20.99
N ALA A 137 6.68 -7.77 21.80
CA ALA A 137 5.27 -8.09 21.73
C ALA A 137 4.69 -8.67 23.04
N PRO A 138 4.74 -7.91 24.16
CA PRO A 138 4.15 -8.44 25.41
C PRO A 138 2.62 -8.49 25.26
N PRO A 139 2.01 -9.67 25.50
CA PRO A 139 0.57 -9.80 25.33
C PRO A 139 -0.18 -8.64 26.02
N GLY A 140 -1.08 -7.99 25.28
CA GLY A 140 -1.85 -6.89 25.83
C GLY A 140 -1.21 -5.52 25.72
N MET A 141 0.08 -5.43 25.40
CA MET A 141 0.75 -4.13 25.26
C MET A 141 1.62 -4.08 24.02
N VAL A 142 1.22 -4.85 23.01
CA VAL A 142 2.07 -5.01 21.81
C VAL A 142 2.36 -3.67 21.11
N PRO A 143 1.32 -2.92 20.64
CA PRO A 143 1.64 -1.71 19.88
C PRO A 143 2.46 -0.71 20.70
N TRP A 144 2.16 -0.55 21.99
CA TRP A 144 2.91 0.41 22.82
C TRP A 144 4.40 0.11 22.83
N HIS A 145 4.78 -1.18 22.96
CA HIS A 145 6.19 -1.54 22.91
C HIS A 145 6.81 -1.27 21.53
N VAL A 146 6.08 -1.62 20.49
CA VAL A 146 6.60 -1.44 19.12
C VAL A 146 6.78 0.06 18.79
N VAL A 147 5.76 0.89 19.05
CA VAL A 147 5.88 2.34 18.73
C VAL A 147 6.76 3.11 19.74
N SER A 148 7.26 2.41 20.78
CA SER A 148 8.30 2.96 21.64
C SER A 148 9.68 2.59 21.11
N GLY A 149 9.75 2.06 19.90
CA GLY A 149 11.04 1.74 19.29
C GLY A 149 11.54 0.31 19.42
N GLY A 150 10.77 -0.58 20.08
CA GLY A 150 11.22 -1.96 20.31
C GLY A 150 11.04 -2.81 19.05
N ASN A 151 11.80 -2.50 18.01
CA ASN A 151 11.73 -3.26 16.77
C ASN A 151 13.01 -3.07 15.96
N GLY A 152 13.30 -4.05 15.11
CA GLY A 152 14.47 -4.01 14.27
C GLY A 152 14.17 -4.92 13.08
N ALA A 153 15.21 -5.51 12.52
CA ALA A 153 15.02 -6.44 11.41
C ALA A 153 16.16 -7.43 11.37
N ILE A 154 15.92 -8.53 10.67
CA ILE A 154 17.01 -9.46 10.32
C ILE A 154 17.09 -9.64 8.79
N MET A 155 18.24 -10.09 8.30
CA MET A 155 18.31 -10.50 6.90
C MET A 155 18.75 -11.97 6.77
N VAL A 156 17.94 -12.73 6.07
CA VAL A 156 18.24 -14.14 5.81
C VAL A 156 18.63 -14.22 4.34
N LEU A 157 19.93 -14.24 4.11
CA LEU A 157 20.42 -14.25 2.74
C LEU A 157 20.27 -15.64 2.15
N PRO A 158 20.00 -15.73 0.83
CA PRO A 158 20.11 -17.04 0.18
C PRO A 158 21.55 -17.56 0.36
N ARG A 159 21.71 -18.86 0.51
CA ARG A 159 23.06 -19.43 0.69
C ARG A 159 23.99 -19.03 -0.46
N GLU A 160 23.40 -18.85 -1.63
CA GLU A 160 24.11 -18.46 -2.84
C GLU A 160 24.13 -16.93 -3.06
N GLY A 161 23.77 -16.16 -2.02
CA GLY A 161 23.74 -14.70 -2.14
C GLY A 161 22.54 -14.22 -2.93
N LEU A 162 22.45 -12.92 -3.19
CA LEU A 162 21.33 -12.38 -3.97
C LEU A 162 21.47 -12.63 -5.47
N HIS A 163 20.33 -12.75 -6.14
CA HIS A 163 20.23 -12.88 -7.59
C HIS A 163 19.11 -12.02 -8.15
N ASP A 164 19.23 -11.64 -9.41
CA ASP A 164 18.13 -10.97 -10.11
C ASP A 164 17.08 -12.02 -10.54
N GLY A 165 16.13 -11.60 -11.38
CA GLY A 165 15.10 -12.49 -11.87
C GLY A 165 15.63 -13.60 -12.77
N LYS A 166 16.73 -13.31 -13.49
CA LYS A 166 17.33 -14.27 -14.41
C LYS A 166 18.44 -15.08 -13.74
N GLY A 167 18.55 -14.95 -12.42
CA GLY A 167 19.51 -15.72 -11.64
C GLY A 167 20.95 -15.25 -11.73
N LYS A 168 21.17 -14.08 -12.33
CA LYS A 168 22.48 -13.42 -12.32
C LYS A 168 22.73 -12.88 -10.91
N ALA A 169 23.95 -13.08 -10.42
CA ALA A 169 24.36 -12.66 -9.09
C ALA A 169 24.28 -11.16 -8.93
N LEU A 170 23.68 -10.72 -7.83
CA LEU A 170 23.72 -9.33 -7.41
C LEU A 170 24.57 -9.25 -6.15
N THR A 171 25.70 -8.58 -6.25
CA THR A 171 26.65 -8.48 -5.15
C THR A 171 26.76 -7.01 -4.76
N TYR A 172 26.38 -6.68 -3.51
CA TYR A 172 26.54 -5.31 -3.03
C TYR A 172 27.93 -5.02 -2.50
N ASP A 173 28.37 -3.78 -2.68
CA ASP A 173 29.62 -3.33 -2.08
C ASP A 173 29.41 -2.92 -0.62
N LYS A 174 28.24 -2.39 -0.34
CA LYS A 174 27.88 -2.08 1.04
C LYS A 174 26.37 -2.17 1.27
N ILE A 175 26.01 -2.24 2.53
CA ILE A 175 24.64 -2.41 2.93
C ILE A 175 24.36 -1.40 4.07
N TYR A 176 23.21 -0.74 3.99
CA TYR A 176 22.71 0.05 5.12
C TYR A 176 21.37 -0.47 5.56
N TYR A 177 21.07 -0.28 6.85
CA TYR A 177 19.75 -0.59 7.42
C TYR A 177 19.06 0.68 7.96
N VAL A 178 18.00 1.09 7.27
CA VAL A 178 17.17 2.23 7.72
C VAL A 178 15.92 1.65 8.40
N GLY A 179 15.83 1.83 9.71
CA GLY A 179 14.62 1.45 10.45
C GLY A 179 13.80 2.70 10.61
N GLU A 180 12.54 2.65 10.18
CA GLU A 180 11.66 3.81 10.23
C GLU A 180 10.70 3.64 11.38
N GLN A 181 10.56 4.71 12.17
CA GLN A 181 9.76 4.68 13.39
C GLN A 181 8.69 5.76 13.45
N ASP A 182 7.43 5.31 13.54
CA ASP A 182 6.31 6.18 13.91
C ASP A 182 6.28 6.35 15.44
N PHE A 183 6.39 7.60 15.90
CA PHE A 183 6.24 7.94 17.32
C PHE A 183 4.96 8.73 17.59
N TYR A 184 4.37 8.52 18.77
CA TYR A 184 3.06 9.07 19.11
C TYR A 184 3.21 9.79 20.44
N VAL A 185 3.71 11.02 20.38
CA VAL A 185 4.13 11.70 21.61
C VAL A 185 3.04 12.65 22.10
N PRO A 186 2.57 12.43 23.34
CA PRO A 186 1.52 13.30 23.88
C PRO A 186 1.91 14.78 23.99
N ARG A 187 0.92 15.64 23.77
CA ARG A 187 1.08 17.07 23.91
C ARG A 187 0.13 17.60 24.99
N ASP A 188 0.53 18.68 25.65
CA ASP A 188 -0.38 19.39 26.54
C ASP A 188 -1.33 20.28 25.73
N GLU A 189 -2.20 20.99 26.44
CA GLU A 189 -3.19 21.90 25.81
C GLU A 189 -2.57 23.00 24.94
N ASN A 190 -1.33 23.39 25.21
CA ASN A 190 -0.67 24.44 24.43
C ASN A 190 0.14 23.90 23.25
N GLY A 191 0.03 22.59 23.00
CA GLY A 191 0.73 21.92 21.91
C GLY A 191 2.17 21.54 22.21
N LYS A 192 2.58 21.61 23.48
CA LYS A 192 3.95 21.24 23.87
C LYS A 192 4.03 19.78 24.25
N TYR A 193 5.02 19.09 23.69
CA TYR A 193 5.24 17.67 24.00
C TYR A 193 5.45 17.47 25.49
N LYS A 194 4.75 16.49 26.05
CA LYS A 194 4.86 16.20 27.47
C LYS A 194 6.05 15.28 27.78
N LYS A 195 6.54 15.37 29.02
CA LYS A 195 7.58 14.50 29.53
C LYS A 195 7.06 13.73 30.72
N TYR A 196 7.61 12.53 30.93
CA TYR A 196 7.14 11.60 31.98
C TYR A 196 8.30 11.03 32.77
N GLU A 197 8.06 10.73 34.05
CA GLU A 197 9.10 10.20 34.93
C GLU A 197 9.55 8.77 34.56
N ALA A 198 8.57 7.88 34.40
CA ALA A 198 8.79 6.46 34.09
C ALA A 198 7.95 6.10 32.86
N PRO A 199 8.32 5.02 32.14
CA PRO A 199 7.62 4.67 30.90
C PRO A 199 6.11 4.51 31.09
N GLY A 200 5.71 3.79 32.13
CA GLY A 200 4.30 3.54 32.42
C GLY A 200 3.45 4.77 32.64
N ASP A 201 4.03 5.84 33.18
CA ASP A 201 3.31 7.12 33.34
C ASP A 201 2.79 7.68 32.00
N ALA A 202 3.51 7.40 30.90
CA ALA A 202 3.12 7.89 29.58
C ALA A 202 2.05 7.04 28.88
N TYR A 203 1.75 5.84 29.41
CA TYR A 203 0.92 4.82 28.74
C TYR A 203 -0.43 5.34 28.25
N GLU A 204 -1.25 5.84 29.17
CA GLU A 204 -2.62 6.24 28.84
C GLU A 204 -2.64 7.38 27.81
N ASP A 205 -1.80 8.40 28.05
CA ASP A 205 -1.71 9.53 27.14
C ASP A 205 -1.23 9.12 25.75
N THR A 206 -0.27 8.20 25.73
CA THR A 206 0.32 7.71 24.47
C THR A 206 -0.71 6.93 23.64
N VAL A 207 -1.45 6.03 24.28
CA VAL A 207 -2.49 5.25 23.61
C VAL A 207 -3.58 6.16 23.00
N LYS A 208 -3.94 7.24 23.70
CA LYS A 208 -4.87 8.20 23.11
C LYS A 208 -4.35 8.73 21.76
N VAL A 209 -3.08 9.15 21.71
CA VAL A 209 -2.47 9.63 20.45
C VAL A 209 -2.42 8.49 19.40
N MET A 210 -2.02 7.28 19.82
CA MET A 210 -1.98 6.10 18.92
C MET A 210 -3.31 5.86 18.20
N ARG A 211 -4.42 6.04 18.92
CA ARG A 211 -5.75 5.80 18.35
C ARG A 211 -6.14 6.79 17.25
N THR A 212 -5.54 7.98 17.23
CA THR A 212 -5.73 8.93 16.12
C THR A 212 -5.08 8.41 14.83
N LEU A 213 -4.28 7.35 14.94
CA LEU A 213 -3.50 6.78 13.83
C LEU A 213 -2.61 7.83 13.14
N THR A 214 -2.32 8.92 13.87
CA THR A 214 -1.54 10.03 13.32
C THR A 214 -0.25 10.20 14.14
N PRO A 215 0.90 9.73 13.59
CA PRO A 215 2.14 9.93 14.33
C PRO A 215 2.49 11.41 14.42
N THR A 216 3.12 11.77 15.55
CA THR A 216 3.70 13.11 15.77
C THR A 216 5.04 13.25 15.07
N HIS A 217 5.75 12.13 14.94
CA HIS A 217 7.08 12.08 14.32
C HIS A 217 7.16 10.80 13.48
N VAL A 218 7.84 10.87 12.34
CA VAL A 218 8.16 9.63 11.55
C VAL A 218 9.63 9.79 11.23
N VAL A 219 10.46 8.93 11.82
CA VAL A 219 11.90 9.14 11.81
C VAL A 219 12.66 7.91 11.33
N PHE A 220 13.88 8.16 10.82
CA PHE A 220 14.84 7.11 10.54
C PHE A 220 15.91 7.08 11.62
N ASN A 221 16.31 5.87 12.04
CA ASN A 221 17.36 5.69 13.02
C ASN A 221 17.09 6.50 14.29
N GLY A 222 15.82 6.57 14.68
CA GLY A 222 15.42 7.03 16.01
C GLY A 222 15.30 8.51 16.30
N ALA A 223 15.51 9.37 15.30
CA ALA A 223 15.42 10.83 15.54
C ALA A 223 15.34 11.59 14.23
N VAL A 224 14.68 12.74 14.26
CA VAL A 224 14.70 13.66 13.11
C VAL A 224 16.17 13.95 12.74
N GLY A 225 16.49 13.87 11.46
CA GLY A 225 17.85 14.16 10.97
C GLY A 225 18.96 13.22 11.40
N ALA A 226 18.65 12.05 11.94
CA ALA A 226 19.68 11.09 12.36
C ALA A 226 20.60 10.64 11.21
N LEU A 227 20.09 10.61 9.97
CA LEU A 227 20.90 10.15 8.83
C LEU A 227 21.17 11.27 7.83
N THR A 228 21.35 12.48 8.34
CA THR A 228 21.69 13.63 7.51
C THR A 228 22.96 14.29 8.02
N GLY A 229 23.49 15.23 7.23
CA GLY A 229 24.65 16.03 7.62
C GLY A 229 25.91 15.20 7.74
N ASP A 230 26.58 15.34 8.88
CA ASP A 230 27.76 14.55 9.18
C ASP A 230 27.46 13.07 9.36
N LYS A 231 26.16 12.72 9.34
CA LYS A 231 25.69 11.35 9.49
C LYS A 231 24.94 10.83 8.25
N ALA A 232 25.07 11.53 7.13
CA ALA A 232 24.57 10.99 5.86
C ALA A 232 25.21 9.62 5.55
N MET A 233 24.47 8.78 4.83
CA MET A 233 25.04 7.55 4.31
C MET A 233 25.97 7.93 3.15
N THR A 234 26.90 7.05 2.78
CA THR A 234 27.87 7.42 1.76
C THR A 234 28.02 6.35 0.68
N ALA A 235 28.50 6.76 -0.49
CA ALA A 235 28.72 5.84 -1.58
C ALA A 235 29.63 6.54 -2.60
N ALA A 236 30.12 5.76 -3.57
CA ALA A 236 30.85 6.28 -4.72
C ALA A 236 30.10 5.89 -6.01
N VAL A 237 30.26 6.70 -7.06
CA VAL A 237 29.78 6.35 -8.39
C VAL A 237 30.35 4.96 -8.75
N GLY A 238 29.48 4.11 -9.29
CA GLY A 238 29.81 2.70 -9.57
C GLY A 238 29.57 1.73 -8.44
N GLU A 239 29.37 2.25 -7.22
CA GLU A 239 29.26 1.40 -6.04
C GLU A 239 27.83 0.83 -5.94
N LYS A 240 27.73 -0.44 -5.57
CA LYS A 240 26.47 -1.16 -5.47
C LYS A 240 26.02 -1.17 -4.00
N VAL A 241 24.86 -0.61 -3.74
CA VAL A 241 24.39 -0.43 -2.35
C VAL A 241 23.05 -1.14 -2.16
N LEU A 242 22.96 -1.96 -1.12
CA LEU A 242 21.66 -2.49 -0.67
C LEU A 242 21.12 -1.65 0.49
N ILE A 243 19.90 -1.15 0.36
CA ILE A 243 19.28 -0.43 1.46
C ILE A 243 18.15 -1.28 2.01
N VAL A 244 18.33 -1.76 3.24
CA VAL A 244 17.28 -2.52 3.94
C VAL A 244 16.45 -1.50 4.70
N HIS A 245 15.14 -1.60 4.58
CA HIS A 245 14.20 -0.64 5.18
C HIS A 245 13.09 -1.40 5.90
N SER A 246 12.79 -1.03 7.14
CA SER A 246 11.74 -1.72 7.88
C SER A 246 10.78 -0.70 8.50
N GLN A 247 9.56 -1.15 8.74
CA GLN A 247 8.55 -0.41 9.45
C GLN A 247 7.66 -1.46 10.12
N ALA A 248 7.73 -1.52 11.44
CA ALA A 248 7.11 -2.64 12.19
C ALA A 248 5.63 -2.39 12.44
N ASN A 249 5.20 -1.13 12.28
CA ASN A 249 3.83 -0.74 12.61
C ASN A 249 3.01 -0.06 11.52
N ARG A 250 3.66 0.60 10.56
CA ARG A 250 2.96 1.54 9.72
C ARG A 250 3.56 1.55 8.32
N ASP A 251 2.73 1.68 7.29
CA ASP A 251 3.24 1.70 5.90
C ASP A 251 4.28 2.79 5.65
N THR A 252 5.18 2.50 4.72
CA THR A 252 6.06 3.55 4.20
C THR A 252 6.30 3.36 2.71
N ARG A 253 6.90 4.36 2.07
CA ARG A 253 7.05 4.35 0.62
C ARG A 253 8.42 4.95 0.25
N PRO A 254 9.50 4.15 0.40
CA PRO A 254 10.85 4.68 0.20
C PRO A 254 11.13 5.16 -1.22
N HIS A 255 11.88 6.25 -1.30
CA HIS A 255 12.28 6.84 -2.57
C HIS A 255 13.69 7.45 -2.45
N LEU A 256 14.57 7.09 -3.38
CA LEU A 256 15.89 7.69 -3.43
C LEU A 256 15.85 8.87 -4.42
N ILE A 257 15.76 10.08 -3.89
CA ILE A 257 15.64 11.29 -4.70
C ILE A 257 16.98 11.55 -5.44
N GLY A 258 16.94 11.43 -6.76
CA GLY A 258 18.15 11.49 -7.62
C GLY A 258 18.51 10.12 -8.16
N GLY A 259 17.98 9.09 -7.51
CA GLY A 259 18.27 7.70 -7.88
C GLY A 259 17.02 6.88 -8.17
N HIS A 260 17.17 5.57 -8.07
CA HIS A 260 16.08 4.60 -8.28
C HIS A 260 16.35 3.41 -7.39
N GLY A 261 15.42 2.46 -7.39
CA GLY A 261 15.69 1.13 -6.87
C GLY A 261 15.86 0.21 -8.06
N ASP A 262 17.10 -0.09 -8.45
CA ASP A 262 17.33 -0.93 -9.64
C ASP A 262 16.67 -2.31 -9.53
N TYR A 263 16.81 -2.91 -8.36
CA TYR A 263 16.12 -4.15 -7.99
C TYR A 263 15.57 -3.88 -6.61
N VAL A 264 14.27 -4.12 -6.46
CA VAL A 264 13.60 -3.91 -5.18
C VAL A 264 12.78 -5.13 -4.84
N TRP A 265 13.16 -5.81 -3.76
CA TRP A 265 12.30 -6.81 -3.16
C TRP A 265 11.34 -6.06 -2.22
N ALA A 266 10.25 -5.52 -2.79
CA ALA A 266 9.32 -4.68 -2.04
C ALA A 266 8.68 -5.46 -0.90
N THR A 267 8.46 -6.76 -1.11
CA THR A 267 7.90 -7.65 -0.06
C THR A 267 8.98 -8.09 0.95
N GLY A 268 10.25 -7.85 0.58
CA GLY A 268 11.37 -8.22 1.43
C GLY A 268 11.73 -9.68 1.34
N LYS A 269 11.10 -10.42 0.42
CA LYS A 269 11.31 -11.87 0.34
C LYS A 269 12.01 -12.26 -0.97
N PHE A 270 13.15 -12.94 -0.83
CA PHE A 270 14.10 -13.09 -1.93
C PHE A 270 13.69 -14.14 -2.97
N ASN A 271 12.80 -15.05 -2.57
CA ASN A 271 12.16 -15.97 -3.53
C ASN A 271 11.01 -15.32 -4.33
N THR A 272 10.57 -14.13 -3.95
CA THR A 272 9.64 -13.34 -4.73
C THR A 272 10.50 -12.44 -5.64
N PRO A 273 10.33 -12.53 -6.97
CA PRO A 273 11.28 -11.81 -7.83
C PRO A 273 11.26 -10.29 -7.55
N PRO A 274 12.43 -9.61 -7.60
CA PRO A 274 12.40 -8.17 -7.30
C PRO A 274 11.73 -7.38 -8.42
N ASP A 275 11.07 -6.29 -8.06
CA ASP A 275 10.63 -5.28 -9.04
C ASP A 275 11.88 -4.55 -9.54
N VAL A 276 11.77 -3.91 -10.69
CA VAL A 276 12.94 -3.24 -11.26
C VAL A 276 12.65 -1.81 -11.70
N ASP A 277 13.71 -0.99 -11.81
CA ASP A 277 13.60 0.39 -12.28
C ASP A 277 12.64 1.23 -11.43
N GLN A 278 12.58 0.90 -10.13
CA GLN A 278 11.58 1.48 -9.24
C GLN A 278 11.84 2.95 -8.96
N GLU A 279 10.81 3.77 -9.02
CA GLU A 279 10.88 5.16 -8.58
C GLU A 279 10.67 5.22 -7.06
N THR A 280 9.58 4.58 -6.62
CA THR A 280 9.12 4.65 -5.24
C THR A 280 8.50 3.31 -4.94
N TRP A 281 9.00 2.63 -3.91
CA TRP A 281 8.46 1.33 -3.57
C TRP A 281 7.59 1.41 -2.32
N PHE A 282 6.91 0.32 -2.00
CA PHE A 282 5.93 0.33 -0.91
C PHE A 282 6.21 -0.80 0.07
N ILE A 283 6.35 -0.45 1.34
CA ILE A 283 6.59 -1.45 2.39
C ILE A 283 5.48 -1.34 3.41
N PRO A 284 4.66 -2.38 3.54
CA PRO A 284 3.52 -2.31 4.46
C PRO A 284 3.97 -2.33 5.92
N GLY A 285 3.22 -1.67 6.79
CA GLY A 285 3.51 -1.78 8.23
C GLY A 285 3.60 -3.24 8.65
N GLY A 286 4.62 -3.57 9.43
CA GLY A 286 4.88 -4.95 9.83
C GLY A 286 5.76 -5.74 8.85
N ALA A 287 6.50 -5.04 7.99
CA ALA A 287 7.43 -5.71 7.08
C ALA A 287 8.73 -4.95 6.84
N ALA A 288 9.67 -5.66 6.23
CA ALA A 288 10.94 -5.09 5.76
C ALA A 288 11.02 -5.32 4.25
N GLY A 289 11.71 -4.40 3.57
CA GLY A 289 11.94 -4.49 2.13
C GLY A 289 13.40 -4.21 1.90
N ALA A 290 13.89 -4.51 0.70
CA ALA A 290 15.28 -4.23 0.35
C ALA A 290 15.40 -3.68 -1.07
N ALA A 291 16.22 -2.64 -1.22
CA ALA A 291 16.46 -2.07 -2.55
C ALA A 291 17.96 -2.11 -2.89
N PHE A 292 18.25 -2.44 -4.15
CA PHE A 292 19.61 -2.56 -4.67
C PHE A 292 19.77 -1.44 -5.68
N TYR A 293 20.83 -0.64 -5.53
CA TYR A 293 21.07 0.47 -6.45
C TYR A 293 22.55 0.62 -6.77
N THR A 294 22.84 0.95 -8.02
CA THR A 294 24.22 1.27 -8.41
C THR A 294 24.27 2.76 -8.70
N PHE A 295 24.98 3.49 -7.85
CA PHE A 295 25.04 4.94 -8.02
C PHE A 295 25.76 5.34 -9.31
N GLN A 296 25.17 6.28 -10.04
CA GLN A 296 25.66 6.68 -11.36
C GLN A 296 26.14 8.12 -11.34
N GLN A 297 25.66 8.88 -10.35
CA GLN A 297 25.99 10.31 -10.23
C GLN A 297 26.53 10.66 -8.85
N PRO A 298 27.49 11.61 -8.77
CA PRO A 298 27.92 12.10 -7.47
C PRO A 298 26.95 13.15 -6.97
N GLY A 299 27.07 13.51 -5.70
CA GLY A 299 26.29 14.58 -5.11
C GLY A 299 25.53 14.10 -3.90
N ILE A 300 24.65 14.96 -3.41
CA ILE A 300 23.75 14.64 -2.32
C ILE A 300 22.43 14.09 -2.88
N TYR A 301 21.95 13.03 -2.25
CA TYR A 301 20.65 12.45 -2.54
C TYR A 301 19.87 12.52 -1.24
N ALA A 302 18.56 12.67 -1.34
CA ALA A 302 17.66 12.54 -0.20
C ALA A 302 16.96 11.19 -0.28
N TYR A 303 17.04 10.39 0.80
CA TYR A 303 16.34 9.11 0.86
C TYR A 303 15.15 9.34 1.78
N VAL A 304 13.92 9.20 1.26
CA VAL A 304 12.73 9.62 1.97
C VAL A 304 11.59 8.59 1.99
N ASN A 305 10.70 8.73 2.97
CA ASN A 305 9.34 8.23 2.87
C ASN A 305 8.65 9.23 1.93
N HIS A 306 8.18 8.76 0.78
CA HIS A 306 7.60 9.69 -0.21
C HIS A 306 6.14 10.15 0.01
N ASN A 307 5.62 10.02 1.23
CA ASN A 307 4.68 11.02 1.69
C ASN A 307 5.57 12.13 2.17
N LEU A 308 5.64 13.20 1.36
CA LEU A 308 6.64 14.24 1.54
C LEU A 308 6.35 15.05 2.80
N ILE A 309 5.10 15.04 3.26
CA ILE A 309 4.79 15.62 4.59
C ILE A 309 5.46 14.77 5.68
N GLU A 310 5.32 13.45 5.62
CA GLU A 310 6.05 12.62 6.60
C GLU A 310 7.59 12.81 6.50
N ALA A 311 8.10 13.00 5.28
CA ALA A 311 9.52 13.15 5.03
C ALA A 311 10.05 14.47 5.60
N PHE A 312 9.40 15.58 5.23
CA PHE A 312 9.98 16.90 5.47
C PHE A 312 9.39 17.64 6.64
N GLU A 313 8.18 17.24 7.05
CA GLU A 313 7.56 17.88 8.20
C GLU A 313 7.68 17.02 9.45
N LEU A 314 7.64 15.70 9.27
CA LEU A 314 7.61 14.79 10.42
C LEU A 314 8.93 14.04 10.73
N GLY A 315 9.87 14.03 9.77
CA GLY A 315 11.23 13.57 10.04
C GLY A 315 11.76 12.44 9.16
N ALA A 316 10.98 11.94 8.21
CA ALA A 316 11.36 10.71 7.47
C ALA A 316 12.22 11.03 6.23
N ALA A 317 13.39 11.59 6.49
CA ALA A 317 14.31 12.01 5.45
C ALA A 317 15.76 11.74 5.87
N ALA A 318 16.48 11.01 5.02
CA ALA A 318 17.90 10.72 5.17
C ALA A 318 18.65 11.26 3.96
N HIS A 319 19.97 11.34 4.07
CA HIS A 319 20.81 11.72 2.93
C HIS A 319 21.84 10.66 2.60
N PHE A 320 22.18 10.62 1.31
CA PHE A 320 23.39 9.98 0.80
C PHE A 320 24.33 11.07 0.29
N LYS A 321 25.61 10.94 0.60
CA LYS A 321 26.65 11.82 0.03
C LYS A 321 27.54 10.95 -0.82
N VAL A 322 27.53 11.23 -2.12
CA VAL A 322 28.13 10.32 -3.10
C VAL A 322 29.28 11.05 -3.83
N THR A 323 30.44 10.39 -3.87
CA THR A 323 31.65 10.94 -4.48
C THR A 323 31.82 10.37 -5.89
N GLY A 324 32.65 11.03 -6.70
CA GLY A 324 32.96 10.57 -8.05
C GLY A 324 32.67 11.62 -9.11
N GLU A 325 32.70 11.19 -10.37
CA GLU A 325 32.59 12.10 -11.51
C GLU A 325 31.19 12.19 -12.06
N TRP A 326 30.76 13.42 -12.31
CA TRP A 326 29.47 13.70 -12.99
C TRP A 326 29.41 13.11 -14.40
N ASN A 327 28.21 12.64 -14.76
CA ASN A 327 27.93 12.00 -16.03
C ASN A 327 26.95 12.87 -16.80
N ASP A 328 27.46 13.59 -17.81
CA ASP A 328 26.63 14.52 -18.60
C ASP A 328 25.71 13.84 -19.61
N ASP A 329 26.03 12.62 -20.02
CA ASP A 329 25.13 11.83 -20.84
C ASP A 329 23.81 11.60 -20.10
N LEU A 330 23.90 11.08 -18.87
CA LEU A 330 22.74 10.88 -18.00
C LEU A 330 21.98 12.17 -17.68
N MET A 331 22.71 13.25 -17.39
CA MET A 331 22.07 14.52 -17.04
C MET A 331 22.99 15.71 -17.26
N THR A 332 22.44 16.76 -17.86
CA THR A 332 23.21 17.99 -18.07
C THR A 332 22.33 19.21 -18.02
N SER A 333 22.84 20.25 -17.38
CA SER A 333 22.21 21.55 -17.43
C SER A 333 22.62 22.20 -18.77
N VAL A 334 21.69 22.21 -19.72
CA VAL A 334 21.94 22.83 -21.04
C VAL A 334 22.01 24.35 -20.91
N LEU A 335 21.11 24.91 -20.11
CA LEU A 335 21.14 26.33 -19.79
C LEU A 335 20.85 26.49 -18.31
N ALA A 336 21.85 26.94 -17.56
CA ALA A 336 21.74 27.17 -16.12
C ALA A 336 20.75 28.30 -15.86
N PRO A 337 20.03 28.26 -14.70
CA PRO A 337 19.06 29.30 -14.32
C PRO A 337 19.58 30.70 -14.64
N SER A 338 18.84 31.42 -15.48
CA SER A 338 19.29 32.71 -15.98
C SER A 338 18.15 33.68 -16.27
N GLY A 339 18.37 34.95 -15.91
CA GLY A 339 17.36 36.01 -16.02
C GLY A 339 16.95 36.35 -17.44
N ALA B 4 -21.59 -16.70 -25.65
CA ALA B 4 -22.69 -17.69 -25.51
C ALA B 4 -24.03 -17.00 -25.69
N THR B 5 -24.96 -17.66 -26.40
CA THR B 5 -26.28 -17.10 -26.65
C THR B 5 -27.23 -17.35 -25.47
N ALA B 6 -28.35 -16.65 -25.45
CA ALA B 6 -29.35 -16.85 -24.41
C ALA B 6 -29.80 -18.31 -24.35
N ALA B 7 -29.95 -18.96 -25.51
CA ALA B 7 -30.36 -20.37 -25.57
C ALA B 7 -29.29 -21.32 -25.03
N GLU B 8 -28.03 -21.08 -25.37
CA GLU B 8 -26.94 -21.87 -24.79
C GLU B 8 -26.92 -21.79 -23.26
N ILE B 9 -27.02 -20.57 -22.72
CA ILE B 9 -26.99 -20.33 -21.25
C ILE B 9 -28.18 -21.01 -20.56
N ALA B 10 -29.35 -20.93 -21.18
CA ALA B 10 -30.56 -21.60 -20.72
C ALA B 10 -30.38 -23.11 -20.63
N ALA B 11 -29.55 -23.67 -21.51
CA ALA B 11 -29.28 -25.12 -21.55
C ALA B 11 -28.32 -25.57 -20.45
N LEU B 12 -27.60 -24.63 -19.84
CA LEU B 12 -26.60 -24.96 -18.83
C LEU B 12 -27.25 -25.47 -17.55
N PRO B 13 -26.59 -26.41 -16.85
CA PRO B 13 -27.01 -26.84 -15.52
C PRO B 13 -27.03 -25.70 -14.49
N ARG B 14 -27.96 -25.81 -13.54
CA ARG B 14 -28.13 -24.89 -12.43
C ARG B 14 -27.80 -25.56 -11.10
N GLN B 15 -27.05 -24.88 -10.25
CA GLN B 15 -27.03 -25.30 -8.85
C GLN B 15 -27.38 -24.17 -7.90
N LYS B 16 -28.31 -24.47 -7.00
CA LYS B 16 -28.69 -23.56 -5.96
C LYS B 16 -27.81 -23.82 -4.75
N VAL B 17 -27.07 -22.81 -4.34
CA VAL B 17 -26.15 -22.92 -3.23
C VAL B 17 -26.78 -22.31 -1.98
N GLU B 18 -26.64 -23.00 -0.86
CA GLU B 18 -26.94 -22.47 0.47
C GLU B 18 -25.71 -21.73 1.02
N LEU B 19 -25.84 -20.44 1.21
CA LEU B 19 -24.77 -19.64 1.81
C LEU B 19 -24.57 -20.00 3.28
N VAL B 20 -23.33 -19.90 3.77
CA VAL B 20 -23.04 -20.06 5.19
C VAL B 20 -22.41 -18.78 5.74
N ASP B 21 -22.59 -18.52 7.03
CA ASP B 21 -21.99 -17.35 7.67
C ASP B 21 -20.45 -17.38 7.76
N PRO B 22 -19.79 -16.25 7.43
CA PRO B 22 -18.35 -16.06 7.65
C PRO B 22 -18.00 -16.37 9.13
N PRO B 23 -16.78 -16.88 9.41
CA PRO B 23 -15.63 -17.06 8.50
C PRO B 23 -15.69 -18.36 7.67
N PHE B 24 -16.78 -19.11 7.82
CA PHE B 24 -16.95 -20.34 7.05
C PHE B 24 -17.39 -20.05 5.61
N VAL B 25 -17.21 -21.04 4.74
CA VAL B 25 -17.50 -20.91 3.31
C VAL B 25 -18.33 -22.13 2.93
N HIS B 26 -19.31 -21.92 2.05
CA HIS B 26 -20.21 -23.00 1.65
C HIS B 26 -19.41 -24.08 0.93
N ALA B 27 -19.87 -25.32 1.09
CA ALA B 27 -19.38 -26.48 0.31
C ALA B 27 -19.16 -26.12 -1.14
N HIS B 28 -17.94 -26.40 -1.62
CA HIS B 28 -17.61 -26.23 -3.04
C HIS B 28 -16.51 -27.23 -3.36
N SER B 29 -16.16 -27.34 -4.63
CA SER B 29 -15.02 -28.13 -5.05
C SER B 29 -13.99 -27.19 -5.66
N GLN B 30 -12.72 -27.48 -5.40
CA GLN B 30 -11.65 -26.61 -5.85
C GLN B 30 -11.51 -26.71 -7.37
N VAL B 31 -11.38 -27.94 -7.87
CA VAL B 31 -11.44 -28.22 -9.31
C VAL B 31 -12.91 -28.33 -9.77
N ALA B 32 -13.25 -27.62 -10.85
CA ALA B 32 -14.61 -27.57 -11.38
C ALA B 32 -15.10 -28.94 -11.79
N GLU B 33 -16.33 -29.25 -11.39
CA GLU B 33 -16.99 -30.50 -11.79
C GLU B 33 -17.91 -30.22 -12.97
N GLY B 34 -17.51 -30.70 -14.15
CA GLY B 34 -18.32 -30.53 -15.34
C GLY B 34 -18.04 -29.22 -16.04
N GLY B 35 -18.86 -28.92 -17.05
CA GLY B 35 -18.73 -27.66 -17.79
C GLY B 35 -19.34 -26.53 -16.98
N PRO B 36 -19.43 -25.33 -17.58
CA PRO B 36 -20.00 -24.15 -16.93
C PRO B 36 -21.41 -24.37 -16.38
N LYS B 37 -21.64 -23.88 -15.17
CA LYS B 37 -22.94 -23.93 -14.52
C LYS B 37 -23.48 -22.51 -14.32
N VAL B 38 -24.79 -22.40 -14.13
CA VAL B 38 -25.38 -21.18 -13.58
C VAL B 38 -25.54 -21.40 -12.06
N VAL B 39 -24.72 -20.71 -11.27
CA VAL B 39 -24.71 -20.92 -9.82
C VAL B 39 -25.58 -19.87 -9.15
N GLU B 40 -26.59 -20.35 -8.43
CA GLU B 40 -27.66 -19.54 -7.90
C GLU B 40 -27.52 -19.31 -6.40
N PHE B 41 -27.60 -18.04 -6.02
CA PHE B 41 -27.54 -17.59 -4.63
C PHE B 41 -28.70 -16.63 -4.36
N THR B 42 -29.19 -16.66 -3.14
CA THR B 42 -30.20 -15.72 -2.66
C THR B 42 -29.69 -15.06 -1.38
N MET B 43 -29.82 -13.74 -1.31
CA MET B 43 -29.46 -13.01 -0.09
C MET B 43 -30.51 -11.98 0.21
N VAL B 44 -30.89 -11.92 1.48
CA VAL B 44 -31.74 -10.85 2.00
C VAL B 44 -30.86 -9.82 2.73
N ILE B 45 -30.97 -8.55 2.36
CA ILE B 45 -30.28 -7.46 3.05
C ILE B 45 -31.04 -7.13 4.32
N GLU B 46 -30.37 -7.19 5.47
CA GLU B 46 -31.01 -6.77 6.71
C GLU B 46 -30.42 -5.46 7.18
N GLU B 47 -31.26 -4.43 7.30
CA GLU B 47 -30.92 -3.26 8.14
C GLU B 47 -31.15 -3.69 9.58
N LYS B 48 -30.09 -3.70 10.40
CA LYS B 48 -30.15 -4.22 11.77
C LYS B 48 -29.08 -3.58 12.66
N LYS B 49 -29.42 -3.44 13.95
CA LYS B 49 -28.46 -3.01 14.97
C LYS B 49 -27.49 -4.13 15.33
N ILE B 50 -26.21 -3.82 15.30
CA ILE B 50 -25.18 -4.77 15.74
C ILE B 50 -24.29 -4.20 16.83
N VAL B 51 -23.75 -5.09 17.67
CA VAL B 51 -22.83 -4.72 18.73
C VAL B 51 -21.44 -5.03 18.21
N ILE B 52 -20.57 -4.03 18.20
CA ILE B 52 -19.27 -4.19 17.54
C ILE B 52 -18.09 -4.29 18.50
N ASP B 53 -18.37 -4.20 19.81
CA ASP B 53 -17.33 -4.37 20.84
C ASP B 53 -17.90 -4.87 22.16
N ASP B 54 -17.01 -5.14 23.13
CA ASP B 54 -17.42 -5.70 24.44
C ASP B 54 -18.12 -4.68 25.36
N ALA B 55 -17.92 -3.40 25.07
CA ALA B 55 -18.62 -2.32 25.75
C ALA B 55 -20.10 -2.25 25.36
N GLY B 56 -20.48 -2.89 24.24
CA GLY B 56 -21.85 -2.78 23.74
C GLY B 56 -22.08 -1.69 22.71
N THR B 57 -20.99 -1.10 22.20
CA THR B 57 -21.10 -0.08 21.12
C THR B 57 -21.94 -0.61 19.98
N GLU B 58 -22.92 0.17 19.54
CA GLU B 58 -23.78 -0.33 18.48
C GLU B 58 -23.71 0.48 17.20
N VAL B 59 -23.88 -0.22 16.08
CA VAL B 59 -23.93 0.37 14.76
C VAL B 59 -25.23 -0.10 14.07
N HIS B 60 -25.87 0.79 13.32
CA HIS B 60 -26.94 0.43 12.41
C HIS B 60 -26.30 -0.10 11.15
N ALA B 61 -26.27 -1.41 11.04
CA ALA B 61 -25.56 -2.07 9.95
C ALA B 61 -26.46 -2.35 8.76
N MET B 62 -25.82 -2.44 7.60
CA MET B 62 -26.44 -2.94 6.41
C MET B 62 -25.77 -4.29 6.19
N ALA B 63 -26.56 -5.35 6.31
CA ALA B 63 -26.02 -6.71 6.39
C ALA B 63 -26.62 -7.65 5.36
N PHE B 64 -25.83 -7.93 4.33
CA PHE B 64 -26.10 -8.98 3.34
C PHE B 64 -26.21 -10.33 4.05
N ASN B 65 -27.36 -11.01 3.88
CA ASN B 65 -27.60 -12.34 4.50
C ASN B 65 -27.60 -12.25 6.04
N GLY B 66 -27.72 -11.03 6.55
CA GLY B 66 -27.74 -10.76 8.00
C GLY B 66 -26.39 -10.70 8.70
N THR B 67 -25.30 -10.75 7.94
CA THR B 67 -23.97 -10.80 8.56
C THR B 67 -23.07 -9.69 8.02
N VAL B 68 -22.09 -9.32 8.86
CA VAL B 68 -20.99 -8.44 8.51
C VAL B 68 -19.69 -9.23 8.73
N PRO B 69 -18.95 -9.55 7.64
CA PRO B 69 -19.25 -9.24 6.24
C PRO B 69 -20.40 -10.12 5.72
N GLY B 70 -20.88 -9.80 4.53
CA GLY B 70 -21.77 -10.71 3.81
C GLY B 70 -20.98 -11.98 3.51
N PRO B 71 -21.69 -13.07 3.20
CA PRO B 71 -21.03 -14.37 2.98
C PRO B 71 -20.23 -14.42 1.68
N LEU B 72 -19.23 -15.31 1.65
CA LEU B 72 -18.42 -15.60 0.46
C LEU B 72 -19.23 -16.46 -0.49
N MET B 73 -19.37 -16.00 -1.73
CA MET B 73 -19.94 -16.84 -2.79
C MET B 73 -18.80 -17.45 -3.59
N VAL B 74 -18.89 -18.75 -3.88
CA VAL B 74 -17.85 -19.43 -4.64
C VAL B 74 -18.37 -20.00 -5.95
N VAL B 75 -17.71 -19.63 -7.05
CA VAL B 75 -17.98 -20.16 -8.36
C VAL B 75 -16.65 -20.45 -9.03
N HIS B 76 -16.70 -21.03 -10.24
CA HIS B 76 -15.49 -21.21 -11.05
C HIS B 76 -15.50 -20.30 -12.27
N GLN B 77 -14.31 -20.05 -12.82
CA GLN B 77 -14.15 -19.16 -13.95
C GLN B 77 -15.09 -19.61 -15.08
N ASP B 78 -15.81 -18.67 -15.67
CA ASP B 78 -16.75 -18.93 -16.78
C ASP B 78 -18.07 -19.60 -16.38
N ASP B 79 -18.24 -19.84 -15.09
CA ASP B 79 -19.56 -20.09 -14.54
C ASP B 79 -20.31 -18.78 -14.66
N TYR B 80 -21.63 -18.83 -14.50
CA TYR B 80 -22.44 -17.64 -14.32
C TYR B 80 -22.89 -17.59 -12.87
N LEU B 81 -22.73 -16.43 -12.24
CA LEU B 81 -23.26 -16.21 -10.91
C LEU B 81 -24.63 -15.51 -11.05
N GLU B 82 -25.66 -16.11 -10.47
CA GLU B 82 -27.01 -15.58 -10.54
C GLU B 82 -27.52 -15.30 -9.13
N LEU B 83 -27.51 -14.02 -8.78
CA LEU B 83 -27.93 -13.61 -7.44
C LEU B 83 -29.35 -13.12 -7.41
N THR B 84 -30.16 -13.72 -6.54
CA THR B 84 -31.43 -13.11 -6.17
C THR B 84 -31.19 -12.22 -4.95
N LEU B 85 -31.45 -10.93 -5.10
CA LEU B 85 -31.26 -9.97 -4.00
C LEU B 85 -32.60 -9.39 -3.56
N ILE B 86 -32.83 -9.46 -2.24
CA ILE B 86 -34.12 -9.15 -1.63
C ILE B 86 -33.95 -8.03 -0.62
N ASN B 87 -34.71 -6.95 -0.82
CA ASN B 87 -34.78 -5.85 0.13
C ASN B 87 -36.11 -5.92 0.87
N PRO B 88 -36.11 -6.45 2.11
CA PRO B 88 -37.41 -6.63 2.76
C PRO B 88 -38.11 -5.31 3.08
N GLU B 89 -39.44 -5.39 3.18
CA GLU B 89 -40.30 -4.22 3.43
C GLU B 89 -40.09 -3.63 4.81
N THR B 90 -39.46 -4.38 5.71
CA THR B 90 -39.12 -3.87 7.06
C THR B 90 -37.93 -2.87 7.03
N ASN B 91 -37.13 -2.94 5.96
CA ASN B 91 -36.06 -1.97 5.73
C ASN B 91 -36.60 -0.59 5.32
N THR B 92 -35.74 0.41 5.36
CA THR B 92 -36.15 1.78 5.05
C THR B 92 -35.40 2.36 3.85
N LEU B 93 -34.26 1.79 3.51
CA LEU B 93 -33.44 2.32 2.41
C LEU B 93 -33.44 1.44 1.17
N MET B 94 -33.16 2.09 0.03
CA MET B 94 -32.77 1.40 -1.20
C MET B 94 -31.39 0.76 -1.05
N HIS B 95 -31.21 -0.42 -1.63
CA HIS B 95 -29.89 -1.06 -1.66
C HIS B 95 -29.68 -1.63 -3.03
N ASN B 96 -28.43 -1.97 -3.32
CA ASN B 96 -28.03 -2.58 -4.58
C ASN B 96 -26.71 -3.31 -4.35
N ILE B 97 -26.08 -3.78 -5.42
CA ILE B 97 -24.85 -4.55 -5.28
C ILE B 97 -23.89 -4.34 -6.45
N ASP B 98 -22.64 -4.07 -6.10
CA ASP B 98 -21.55 -3.96 -7.05
C ASP B 98 -20.64 -5.16 -6.84
N PHE B 99 -20.63 -6.07 -7.83
CA PHE B 99 -19.65 -7.18 -7.86
C PHE B 99 -18.38 -6.72 -8.60
N HIS B 100 -17.24 -6.63 -7.90
CA HIS B 100 -15.97 -6.34 -8.56
C HIS B 100 -15.55 -7.41 -9.56
N ALA B 101 -16.07 -8.61 -9.37
CA ALA B 101 -15.84 -9.75 -10.27
C ALA B 101 -16.56 -9.59 -11.62
N ALA B 102 -17.55 -8.70 -11.67
CA ALA B 102 -18.48 -8.60 -12.80
C ALA B 102 -18.14 -7.46 -13.76
N THR B 103 -18.64 -7.55 -15.00
CA THR B 103 -18.37 -6.56 -16.03
C THR B 103 -19.62 -5.82 -16.53
N GLY B 104 -19.68 -4.52 -16.25
CA GLY B 104 -20.73 -3.64 -16.77
C GLY B 104 -21.65 -3.09 -15.70
N ALA B 105 -22.42 -2.05 -16.07
CA ALA B 105 -23.46 -1.50 -15.19
C ALA B 105 -22.97 -1.32 -13.73
N LEU B 106 -21.76 -0.78 -13.60
CA LEU B 106 -21.15 -0.49 -12.29
C LEU B 106 -21.06 -1.75 -11.39
N GLY B 107 -20.61 -2.84 -12.02
CA GLY B 107 -20.52 -4.16 -11.38
C GLY B 107 -21.84 -4.81 -11.04
N GLY B 108 -22.93 -4.32 -11.63
CA GLY B 108 -24.28 -4.81 -11.32
C GLY B 108 -25.13 -3.77 -10.60
N GLY B 109 -24.45 -2.75 -10.07
CA GLY B 109 -25.08 -1.71 -9.26
C GLY B 109 -26.18 -0.96 -9.97
N GLY B 110 -25.97 -0.65 -11.24
CA GLY B 110 -26.98 0.01 -12.05
C GLY B 110 -28.21 -0.84 -12.37
N LEU B 111 -28.14 -2.15 -12.16
CA LEU B 111 -29.27 -3.05 -12.48
C LEU B 111 -29.96 -3.62 -11.24
N THR B 112 -29.45 -3.29 -10.06
CA THR B 112 -29.94 -3.94 -8.84
C THR B 112 -30.48 -2.98 -7.77
N GLU B 113 -30.78 -1.74 -8.16
CA GLU B 113 -31.36 -0.77 -7.21
C GLU B 113 -32.77 -1.17 -6.78
N ILE B 114 -32.85 -1.72 -5.58
CA ILE B 114 -34.11 -2.21 -5.03
C ILE B 114 -34.56 -1.43 -3.79
N ASN B 115 -35.80 -0.96 -3.82
CA ASN B 115 -36.43 -0.33 -2.65
C ASN B 115 -37.01 -1.38 -1.70
N PRO B 116 -37.29 -0.99 -0.43
CA PRO B 116 -37.93 -1.96 0.45
C PRO B 116 -39.19 -2.56 -0.16
N GLY B 117 -39.30 -3.89 -0.03
CA GLY B 117 -40.41 -4.65 -0.60
C GLY B 117 -40.13 -5.14 -2.00
N GLU B 118 -38.90 -4.92 -2.47
CA GLU B 118 -38.53 -5.29 -3.84
C GLU B 118 -37.41 -6.32 -3.87
N LYS B 119 -37.40 -7.07 -4.97
CA LYS B 119 -36.33 -8.03 -5.27
C LYS B 119 -35.88 -7.90 -6.73
N THR B 120 -34.73 -8.51 -7.03
CA THR B 120 -34.08 -8.44 -8.34
C THR B 120 -33.21 -9.67 -8.55
N ILE B 121 -33.09 -10.09 -9.80
CA ILE B 121 -32.17 -11.15 -10.15
C ILE B 121 -31.15 -10.67 -11.18
N LEU B 122 -29.89 -10.74 -10.78
CA LEU B 122 -28.76 -10.35 -11.61
C LEU B 122 -27.92 -11.58 -11.98
N ARG B 123 -27.62 -11.73 -13.26
CA ARG B 123 -26.70 -12.79 -13.74
C ARG B 123 -25.43 -12.14 -14.34
N PHE B 124 -24.27 -12.65 -13.96
CA PHE B 124 -23.04 -12.22 -14.62
C PHE B 124 -22.11 -13.40 -14.83
N LYS B 125 -21.37 -13.34 -15.93
CA LYS B 125 -20.37 -14.32 -16.24
C LYS B 125 -19.08 -14.03 -15.46
N ALA B 126 -18.59 -15.02 -14.72
CA ALA B 126 -17.37 -14.87 -13.92
C ALA B 126 -16.10 -15.10 -14.76
N THR B 127 -15.73 -14.09 -15.55
CA THR B 127 -14.71 -14.24 -16.58
C THR B 127 -13.27 -14.28 -16.07
N LYS B 128 -13.03 -13.84 -14.83
CA LYS B 128 -11.67 -13.73 -14.29
C LYS B 128 -11.55 -14.44 -12.93
N PRO B 129 -10.54 -15.31 -12.80
CA PRO B 129 -10.37 -16.04 -11.55
C PRO B 129 -9.70 -15.18 -10.47
N GLY B 130 -10.17 -15.33 -9.24
CA GLY B 130 -9.63 -14.58 -8.11
C GLY B 130 -10.66 -14.41 -7.01
N VAL B 131 -10.26 -13.72 -5.95
CA VAL B 131 -11.19 -13.21 -4.95
C VAL B 131 -11.49 -11.76 -5.27
N PHE B 132 -12.76 -11.37 -5.10
CA PHE B 132 -13.25 -10.03 -5.44
C PHE B 132 -14.22 -9.55 -4.40
N VAL B 133 -14.10 -8.28 -4.04
CA VAL B 133 -15.09 -7.61 -3.19
C VAL B 133 -16.45 -7.49 -3.90
N TYR B 134 -17.52 -7.58 -3.11
CA TYR B 134 -18.80 -6.99 -3.50
C TYR B 134 -19.28 -6.03 -2.41
N HIS B 135 -20.10 -5.06 -2.79
CA HIS B 135 -20.62 -4.09 -1.81
C HIS B 135 -21.84 -3.34 -2.29
N CYS B 136 -22.63 -2.85 -1.34
CA CYS B 136 -23.74 -1.99 -1.65
C CYS B 136 -23.16 -0.69 -2.18
N ALA B 137 -23.79 -0.10 -3.17
CA ALA B 137 -23.32 1.18 -3.69
C ALA B 137 -24.46 2.05 -4.27
N PRO B 138 -25.37 2.52 -3.42
CA PRO B 138 -26.47 3.34 -3.92
C PRO B 138 -25.98 4.76 -4.19
N PRO B 139 -26.21 5.27 -5.42
CA PRO B 139 -25.81 6.63 -5.82
C PRO B 139 -26.10 7.67 -4.74
N GLY B 140 -25.10 8.49 -4.42
CA GLY B 140 -25.25 9.55 -3.40
C GLY B 140 -25.01 9.12 -1.97
N MET B 141 -24.98 7.80 -1.72
CA MET B 141 -24.80 7.27 -0.36
C MET B 141 -23.79 6.12 -0.27
N VAL B 142 -22.82 6.12 -1.20
CA VAL B 142 -21.94 4.97 -1.43
C VAL B 142 -21.10 4.56 -0.20
N PRO B 143 -20.17 5.44 0.25
CA PRO B 143 -19.33 5.00 1.39
C PRO B 143 -20.13 4.72 2.67
N TRP B 144 -21.19 5.48 2.95
CA TRP B 144 -22.02 5.24 4.16
C TRP B 144 -22.52 3.80 4.25
N HIS B 145 -23.03 3.28 3.13
CA HIS B 145 -23.52 1.91 3.10
C HIS B 145 -22.38 0.91 3.30
N VAL B 146 -21.24 1.20 2.69
CA VAL B 146 -20.12 0.27 2.72
C VAL B 146 -19.52 0.19 4.14
N VAL B 147 -19.36 1.35 4.79
CA VAL B 147 -18.74 1.37 6.12
C VAL B 147 -19.77 1.09 7.23
N SER B 148 -21.02 0.88 6.81
CA SER B 148 -22.06 0.29 7.69
C SER B 148 -22.10 -1.24 7.59
N GLY B 149 -21.08 -1.84 6.97
CA GLY B 149 -20.97 -3.30 6.87
C GLY B 149 -21.50 -3.89 5.58
N GLY B 150 -21.94 -3.04 4.65
CA GLY B 150 -22.60 -3.50 3.44
C GLY B 150 -21.65 -4.00 2.39
N ASN B 151 -20.91 -5.06 2.71
CA ASN B 151 -19.90 -5.61 1.81
C ASN B 151 -19.53 -7.05 2.19
N GLY B 152 -19.00 -7.76 1.20
CA GLY B 152 -18.55 -9.14 1.35
C GLY B 152 -17.54 -9.46 0.25
N ALA B 153 -17.41 -10.74 -0.11
CA ALA B 153 -16.49 -11.11 -1.21
C ALA B 153 -17.02 -12.32 -1.95
N ILE B 154 -16.50 -12.55 -3.16
CA ILE B 154 -16.71 -13.83 -3.82
C ILE B 154 -15.36 -14.42 -4.17
N MET B 155 -15.33 -15.74 -4.37
CA MET B 155 -14.16 -16.38 -4.98
C MET B 155 -14.54 -17.08 -6.27
N VAL B 156 -13.85 -16.70 -7.34
CA VAL B 156 -13.94 -17.31 -8.64
C VAL B 156 -12.70 -18.17 -8.79
N LEU B 157 -12.85 -19.47 -8.57
CA LEU B 157 -11.72 -20.40 -8.68
C LEU B 157 -11.40 -20.65 -10.16
N PRO B 158 -10.11 -20.85 -10.51
CA PRO B 158 -9.87 -21.33 -11.86
C PRO B 158 -10.57 -22.69 -11.98
N ARG B 159 -11.03 -23.05 -13.19
CA ARG B 159 -11.70 -24.35 -13.39
C ARG B 159 -10.79 -25.49 -12.96
N GLU B 160 -9.47 -25.28 -13.11
CA GLU B 160 -8.47 -26.28 -12.75
C GLU B 160 -8.00 -26.21 -11.29
N GLY B 161 -8.74 -25.49 -10.45
CA GLY B 161 -8.34 -25.28 -9.05
C GLY B 161 -7.14 -24.35 -8.96
N LEU B 162 -6.55 -24.25 -7.76
CA LEU B 162 -5.41 -23.36 -7.55
C LEU B 162 -4.07 -24.00 -7.95
N HIS B 163 -3.17 -23.16 -8.44
CA HIS B 163 -1.80 -23.53 -8.74
C HIS B 163 -0.87 -22.45 -8.19
N ASP B 164 0.40 -22.79 -7.97
CA ASP B 164 1.36 -21.78 -7.56
C ASP B 164 1.83 -21.00 -8.79
N GLY B 165 2.88 -20.21 -8.67
CA GLY B 165 3.37 -19.48 -9.88
C GLY B 165 3.80 -20.35 -11.06
N LYS B 166 4.12 -21.63 -10.80
CA LYS B 166 4.93 -22.45 -11.72
C LYS B 166 4.34 -23.81 -12.06
N GLY B 167 3.01 -23.91 -12.03
CA GLY B 167 2.32 -25.14 -12.45
C GLY B 167 2.11 -26.26 -11.43
N LYS B 168 2.53 -26.05 -10.18
CA LYS B 168 2.22 -27.04 -9.15
C LYS B 168 0.85 -26.74 -8.56
N ALA B 169 -0.02 -27.75 -8.57
CA ALA B 169 -1.32 -27.69 -7.92
C ALA B 169 -1.18 -27.33 -6.45
N LEU B 170 -2.04 -26.43 -5.99
CA LEU B 170 -2.15 -26.08 -4.57
C LEU B 170 -3.59 -26.40 -4.14
N THR B 171 -3.72 -27.28 -3.16
CA THR B 171 -5.01 -27.76 -2.69
C THR B 171 -5.08 -27.46 -1.19
N TYR B 172 -6.04 -26.64 -0.77
CA TYR B 172 -6.20 -26.38 0.66
C TYR B 172 -7.07 -27.45 1.28
N ASP B 173 -6.78 -27.77 2.53
CA ASP B 173 -7.65 -28.65 3.33
C ASP B 173 -8.92 -27.90 3.78
N LYS B 174 -8.74 -26.63 4.14
CA LYS B 174 -9.85 -25.80 4.61
C LYS B 174 -9.65 -24.34 4.21
N ILE B 175 -10.75 -23.60 4.19
CA ILE B 175 -10.78 -22.20 3.81
C ILE B 175 -11.57 -21.38 4.84
N TYR B 176 -11.05 -20.19 5.15
CA TYR B 176 -11.76 -19.20 5.94
C TYR B 176 -11.81 -17.90 5.18
N TYR B 177 -12.91 -17.17 5.38
CA TYR B 177 -13.05 -15.83 4.87
C TYR B 177 -13.08 -14.82 6.04
N VAL B 178 -12.08 -13.95 6.08
CA VAL B 178 -11.98 -12.87 7.05
C VAL B 178 -12.39 -11.57 6.35
N GLY B 179 -13.58 -11.07 6.66
CA GLY B 179 -14.02 -9.78 6.13
C GLY B 179 -13.61 -8.76 7.17
N GLU B 180 -12.85 -7.73 6.76
CA GLU B 180 -12.39 -6.70 7.67
C GLU B 180 -13.17 -5.40 7.43
N GLN B 181 -13.64 -4.78 8.51
CA GLN B 181 -14.56 -3.63 8.44
C GLN B 181 -14.07 -2.45 9.24
N ASP B 182 -13.97 -1.30 8.59
CA ASP B 182 -13.68 -0.04 9.25
C ASP B 182 -15.02 0.61 9.62
N PHE B 183 -15.20 0.91 10.90
CA PHE B 183 -16.41 1.58 11.38
C PHE B 183 -16.05 2.95 11.92
N TYR B 184 -16.98 3.89 11.74
CA TYR B 184 -16.80 5.29 12.11
C TYR B 184 -17.93 5.70 13.06
N VAL B 185 -17.72 5.48 14.35
CA VAL B 185 -18.80 5.66 15.32
C VAL B 185 -18.66 7.01 16.04
N PRO B 186 -19.68 7.88 15.94
CA PRO B 186 -19.70 9.17 16.65
C PRO B 186 -19.53 9.02 18.16
N ARG B 187 -18.79 9.96 18.75
CA ARG B 187 -18.58 10.02 20.20
C ARG B 187 -19.24 11.29 20.79
N ASP B 188 -19.64 11.22 22.05
CA ASP B 188 -20.14 12.40 22.76
C ASP B 188 -18.98 13.24 23.29
N GLU B 189 -19.32 14.32 24.00
CA GLU B 189 -18.34 15.30 24.43
C GLU B 189 -17.33 14.75 25.47
N ASN B 190 -17.66 13.62 26.08
CA ASN B 190 -16.71 12.90 26.96
C ASN B 190 -16.02 11.72 26.30
N GLY B 191 -16.21 11.57 24.98
CA GLY B 191 -15.58 10.51 24.21
C GLY B 191 -16.24 9.13 24.31
N LYS B 192 -17.50 9.12 24.70
CA LYS B 192 -18.25 7.88 24.79
C LYS B 192 -19.10 7.74 23.52
N TYR B 193 -19.19 6.53 22.98
CA TYR B 193 -19.90 6.28 21.72
C TYR B 193 -21.39 6.51 21.84
N LYS B 194 -21.94 7.22 20.85
CA LYS B 194 -23.37 7.55 20.84
C LYS B 194 -24.19 6.42 20.22
N LYS B 195 -25.44 6.33 20.68
CA LYS B 195 -26.41 5.39 20.12
C LYS B 195 -27.53 6.16 19.43
N TYR B 196 -28.15 5.53 18.44
CA TYR B 196 -29.18 6.18 17.65
C TYR B 196 -30.39 5.26 17.54
N GLU B 197 -31.56 5.88 17.42
CA GLU B 197 -32.84 5.16 17.30
C GLU B 197 -32.99 4.52 15.93
N ALA B 198 -32.75 5.29 14.88
CA ALA B 198 -32.87 4.83 13.49
C ALA B 198 -31.56 5.08 12.74
N PRO B 199 -31.29 4.29 11.68
CA PRO B 199 -30.11 4.50 10.82
C PRO B 199 -29.92 5.95 10.36
N GLY B 200 -31.01 6.61 9.98
CA GLY B 200 -30.99 8.00 9.50
C GLY B 200 -30.48 9.02 10.51
N ASP B 201 -30.82 8.81 11.78
CA ASP B 201 -30.39 9.67 12.89
C ASP B 201 -28.86 9.81 12.97
N ALA B 202 -28.16 8.72 12.66
CA ALA B 202 -26.70 8.64 12.73
C ALA B 202 -25.97 9.29 11.55
N TYR B 203 -26.68 9.50 10.43
CA TYR B 203 -26.01 9.85 9.17
C TYR B 203 -25.02 11.02 9.24
N GLU B 204 -25.49 12.21 9.63
CA GLU B 204 -24.65 13.41 9.61
C GLU B 204 -23.46 13.35 10.59
N ASP B 205 -23.67 12.83 11.80
CA ASP B 205 -22.59 12.61 12.76
C ASP B 205 -21.54 11.63 12.21
N THR B 206 -22.03 10.56 11.56
CA THR B 206 -21.18 9.50 11.02
C THR B 206 -20.34 10.05 9.85
N VAL B 207 -20.96 10.78 8.93
CA VAL B 207 -20.20 11.45 7.86
C VAL B 207 -19.03 12.30 8.42
N LYS B 208 -19.27 13.04 9.50
CA LYS B 208 -18.22 13.82 10.15
C LYS B 208 -17.01 12.95 10.55
N VAL B 209 -17.28 11.78 11.12
CA VAL B 209 -16.20 10.92 11.56
C VAL B 209 -15.48 10.35 10.33
N MET B 210 -16.27 9.93 9.34
CA MET B 210 -15.74 9.43 8.06
C MET B 210 -14.75 10.38 7.38
N ARG B 211 -15.08 11.68 7.40
CA ARG B 211 -14.22 12.68 6.77
C ARG B 211 -12.85 12.80 7.44
N THR B 212 -12.76 12.39 8.71
CA THR B 212 -11.45 12.28 9.41
C THR B 212 -10.53 11.17 8.85
N LEU B 213 -11.10 10.25 8.08
CA LEU B 213 -10.36 9.09 7.53
C LEU B 213 -9.75 8.22 8.65
N THR B 214 -10.27 8.38 9.87
CA THR B 214 -9.80 7.64 11.04
C THR B 214 -10.91 6.76 11.62
N PRO B 215 -10.91 5.45 11.28
CA PRO B 215 -11.95 4.65 11.92
C PRO B 215 -11.82 4.53 13.43
N THR B 216 -12.96 4.41 14.11
CA THR B 216 -12.98 4.19 15.56
C THR B 216 -12.75 2.72 15.90
N HIS B 217 -13.11 1.83 14.96
CA HIS B 217 -13.04 0.39 15.14
C HIS B 217 -12.59 -0.18 13.81
N VAL B 218 -11.77 -1.23 13.88
CA VAL B 218 -11.35 -1.95 12.70
C VAL B 218 -11.45 -3.42 13.09
N VAL B 219 -12.43 -4.13 12.53
CA VAL B 219 -12.81 -5.45 13.10
C VAL B 219 -12.93 -6.54 12.03
N PHE B 220 -12.76 -7.79 12.46
CA PHE B 220 -13.01 -8.97 11.60
C PHE B 220 -14.32 -9.60 11.99
N ASN B 221 -15.10 -9.99 10.98
CA ASN B 221 -16.40 -10.66 11.22
C ASN B 221 -17.33 -9.84 12.12
N GLY B 222 -17.28 -8.53 11.94
CA GLY B 222 -18.28 -7.66 12.51
C GLY B 222 -18.07 -7.07 13.88
N ALA B 223 -17.04 -7.51 14.61
CA ALA B 223 -16.87 -7.07 16.00
C ALA B 223 -15.48 -7.36 16.54
N VAL B 224 -15.02 -6.52 17.49
CA VAL B 224 -13.79 -6.80 18.24
C VAL B 224 -13.85 -8.21 18.82
N GLY B 225 -12.80 -9.01 18.61
CA GLY B 225 -12.70 -10.36 19.19
C GLY B 225 -13.66 -11.40 18.63
N ALA B 226 -14.33 -11.09 17.52
CA ALA B 226 -15.31 -12.01 16.93
C ALA B 226 -14.73 -13.37 16.57
N LEU B 227 -13.45 -13.40 16.19
CA LEU B 227 -12.78 -14.64 15.82
C LEU B 227 -11.76 -15.06 16.87
N THR B 228 -12.18 -15.05 18.13
CA THR B 228 -11.34 -15.43 19.28
C THR B 228 -12.20 -16.33 20.18
N GLY B 229 -11.59 -16.91 21.21
CA GLY B 229 -12.31 -17.82 22.14
C GLY B 229 -12.84 -19.03 21.42
N ASP B 230 -14.12 -19.36 21.61
CA ASP B 230 -14.65 -20.56 20.95
C ASP B 230 -15.05 -20.30 19.50
N LYS B 231 -14.84 -19.05 19.07
CA LYS B 231 -14.98 -18.63 17.69
C LYS B 231 -13.62 -18.44 16.97
N ALA B 232 -12.52 -18.75 17.67
CA ALA B 232 -11.21 -18.85 17.03
C ALA B 232 -11.26 -19.82 15.84
N MET B 233 -10.56 -19.45 14.76
CA MET B 233 -10.32 -20.37 13.64
C MET B 233 -9.43 -21.53 14.08
N THR B 234 -9.52 -22.66 13.41
CA THR B 234 -8.75 -23.84 13.83
C THR B 234 -7.97 -24.48 12.68
N ALA B 235 -6.85 -25.10 13.05
CA ALA B 235 -6.09 -25.94 12.14
C ALA B 235 -5.27 -26.96 12.91
N ALA B 236 -4.55 -27.79 12.18
CA ALA B 236 -3.64 -28.75 12.77
C ALA B 236 -2.30 -28.64 12.05
N VAL B 237 -1.22 -29.04 12.72
CA VAL B 237 0.07 -29.20 12.05
C VAL B 237 -0.08 -30.04 10.78
N GLY B 238 0.53 -29.56 9.69
CA GLY B 238 0.50 -30.18 8.37
C GLY B 238 -0.71 -29.77 7.54
N GLU B 239 -1.68 -29.10 8.17
CA GLU B 239 -2.89 -28.74 7.46
C GLU B 239 -2.69 -27.46 6.64
N LYS B 240 -3.21 -27.50 5.41
CA LYS B 240 -3.17 -26.41 4.45
C LYS B 240 -4.46 -25.57 4.48
N VAL B 241 -4.28 -24.28 4.75
CA VAL B 241 -5.38 -23.35 5.00
C VAL B 241 -5.29 -22.19 4.00
N LEU B 242 -6.37 -21.95 3.28
CA LEU B 242 -6.50 -20.73 2.51
C LEU B 242 -7.24 -19.68 3.33
N ILE B 243 -6.68 -18.49 3.41
CA ILE B 243 -7.34 -17.40 4.14
C ILE B 243 -7.64 -16.27 3.15
N VAL B 244 -8.93 -16.11 2.85
CA VAL B 244 -9.40 -15.03 1.98
C VAL B 244 -9.68 -13.84 2.90
N HIS B 245 -9.21 -12.66 2.50
CA HIS B 245 -9.34 -11.47 3.33
C HIS B 245 -9.83 -10.34 2.44
N SER B 246 -10.84 -9.60 2.87
CA SER B 246 -11.33 -8.49 2.08
C SER B 246 -11.42 -7.21 2.90
N GLN B 247 -11.35 -6.10 2.20
CA GLN B 247 -11.54 -4.78 2.81
C GLN B 247 -12.07 -3.90 1.70
N ALA B 248 -13.35 -3.54 1.81
CA ALA B 248 -14.07 -2.81 0.75
C ALA B 248 -13.77 -1.31 0.68
N ASN B 249 -13.19 -0.74 1.75
CA ASN B 249 -13.02 0.72 1.86
C ASN B 249 -11.62 1.20 2.15
N ARG B 250 -10.84 0.37 2.83
CA ARG B 250 -9.65 0.87 3.48
C ARG B 250 -8.56 -0.17 3.43
N ASP B 251 -7.31 0.27 3.25
CA ASP B 251 -6.18 -0.65 3.23
C ASP B 251 -6.02 -1.53 4.48
N THR B 252 -5.52 -2.74 4.26
CA THR B 252 -5.11 -3.64 5.35
C THR B 252 -3.78 -4.34 5.05
N ARG B 253 -3.11 -4.81 6.10
CA ARG B 253 -1.82 -5.49 5.95
C ARG B 253 -1.82 -6.79 6.77
N PRO B 254 -2.46 -7.86 6.23
CA PRO B 254 -2.62 -9.09 7.00
C PRO B 254 -1.29 -9.76 7.37
N HIS B 255 -1.26 -10.31 8.58
CA HIS B 255 -0.08 -10.99 9.10
C HIS B 255 -0.52 -12.11 10.03
N LEU B 256 0.06 -13.28 9.79
CA LEU B 256 -0.18 -14.42 10.67
C LEU B 256 0.97 -14.49 11.68
N ILE B 257 0.71 -14.05 12.91
CA ILE B 257 1.75 -14.02 13.95
C ILE B 257 2.13 -15.44 14.35
N GLY B 258 3.41 -15.82 14.16
CA GLY B 258 3.88 -17.19 14.39
C GLY B 258 3.95 -18.01 13.12
N GLY B 259 3.36 -17.50 12.05
CA GLY B 259 3.38 -18.16 10.74
C GLY B 259 3.84 -17.22 9.64
N HIS B 260 3.41 -17.53 8.41
CA HIS B 260 3.78 -16.78 7.18
C HIS B 260 2.62 -16.94 6.19
N GLY B 261 2.69 -16.20 5.08
CA GLY B 261 1.92 -16.54 3.89
C GLY B 261 2.83 -17.25 2.91
N ASP B 262 2.69 -18.58 2.79
CA ASP B 262 3.55 -19.37 1.90
C ASP B 262 3.36 -18.96 0.45
N TYR B 263 2.10 -18.83 0.04
CA TYR B 263 1.73 -18.24 -1.24
C TYR B 263 0.69 -17.21 -0.93
N VAL B 264 0.92 -16.00 -1.43
CA VAL B 264 -0.05 -14.93 -1.24
C VAL B 264 -0.36 -14.29 -2.56
N TRP B 265 -1.63 -14.41 -2.95
CA TRP B 265 -2.19 -13.62 -4.05
C TRP B 265 -2.63 -12.29 -3.46
N ALA B 266 -1.67 -11.40 -3.26
CA ALA B 266 -1.94 -10.16 -2.51
C ALA B 266 -2.94 -9.27 -3.29
N THR B 267 -2.93 -9.37 -4.62
CA THR B 267 -3.88 -8.62 -5.46
C THR B 267 -5.20 -9.38 -5.56
N GLY B 268 -5.20 -10.63 -5.08
CA GLY B 268 -6.38 -11.47 -5.07
C GLY B 268 -6.72 -12.14 -6.40
N LYS B 269 -5.87 -11.95 -7.41
CA LYS B 269 -6.16 -12.42 -8.75
C LYS B 269 -5.26 -13.60 -9.11
N PHE B 270 -5.86 -14.74 -9.41
CA PHE B 270 -5.13 -16.02 -9.54
C PHE B 270 -4.27 -16.17 -10.80
N ASN B 271 -4.54 -15.36 -11.83
CA ASN B 271 -3.64 -15.30 -12.99
C ASN B 271 -2.43 -14.41 -12.75
N THR B 272 -2.41 -13.68 -11.62
CA THR B 272 -1.23 -12.98 -11.16
C THR B 272 -0.48 -13.91 -10.21
N PRO B 273 0.76 -14.31 -10.55
CA PRO B 273 1.46 -15.31 -9.73
C PRO B 273 1.57 -14.85 -8.28
N PRO B 274 1.43 -15.78 -7.31
CA PRO B 274 1.52 -15.33 -5.91
C PRO B 274 2.94 -14.97 -5.46
N ASP B 275 3.03 -14.01 -4.56
CA ASP B 275 4.23 -13.72 -3.78
C ASP B 275 4.46 -14.93 -2.84
N VAL B 276 5.71 -15.17 -2.44
CA VAL B 276 5.96 -16.29 -1.55
C VAL B 276 6.70 -15.90 -0.30
N ASP B 277 6.58 -16.76 0.72
CA ASP B 277 7.35 -16.65 1.97
C ASP B 277 7.07 -15.33 2.68
N GLN B 278 5.82 -14.86 2.59
CA GLN B 278 5.46 -13.51 3.02
C GLN B 278 5.37 -13.40 4.56
N GLU B 279 5.84 -12.29 5.13
CA GLU B 279 5.60 -12.01 6.57
C GLU B 279 4.28 -11.27 6.73
N THR B 280 4.12 -10.25 5.90
CA THR B 280 2.98 -9.34 5.96
C THR B 280 2.66 -8.95 4.55
N TRP B 281 1.42 -9.17 4.15
CA TRP B 281 1.00 -8.81 2.83
C TRP B 281 0.12 -7.55 2.90
N PHE B 282 -0.24 -7.03 1.72
CA PHE B 282 -0.94 -5.76 1.63
C PHE B 282 -2.14 -5.87 0.69
N ILE B 283 -3.31 -5.48 1.21
CA ILE B 283 -4.55 -5.54 0.45
C ILE B 283 -5.12 -4.12 0.44
N PRO B 284 -5.18 -3.50 -0.76
CA PRO B 284 -5.66 -2.12 -0.82
C PRO B 284 -7.17 -2.06 -0.59
N GLY B 285 -7.65 -0.98 0.01
CA GLY B 285 -9.09 -0.76 0.13
C GLY B 285 -9.79 -0.92 -1.22
N GLY B 286 -10.91 -1.65 -1.21
CA GLY B 286 -11.65 -2.01 -2.43
C GLY B 286 -11.22 -3.32 -3.08
N ALA B 287 -10.55 -4.17 -2.30
CA ALA B 287 -10.02 -5.42 -2.83
C ALA B 287 -10.04 -6.58 -1.84
N ALA B 288 -9.94 -7.78 -2.40
CA ALA B 288 -9.79 -9.01 -1.65
C ALA B 288 -8.44 -9.63 -2.03
N GLY B 289 -7.86 -10.34 -1.08
CA GLY B 289 -6.60 -11.04 -1.24
C GLY B 289 -6.77 -12.45 -0.62
N ALA B 290 -5.81 -13.33 -0.86
CA ALA B 290 -5.87 -14.70 -0.36
C ALA B 290 -4.47 -15.20 -0.05
N ALA B 291 -4.31 -15.86 1.09
CA ALA B 291 -3.03 -16.43 1.48
C ALA B 291 -3.18 -17.93 1.76
N PHE B 292 -2.18 -18.67 1.34
CA PHE B 292 -2.15 -20.11 1.51
C PHE B 292 -1.00 -20.39 2.48
N TYR B 293 -1.28 -21.14 3.55
CA TYR B 293 -0.25 -21.52 4.54
C TYR B 293 -0.40 -22.96 4.99
N THR B 294 0.74 -23.63 5.17
CA THR B 294 0.73 -24.98 5.74
C THR B 294 1.26 -24.86 7.17
N PHE B 295 0.40 -25.15 8.13
CA PHE B 295 0.79 -25.02 9.52
C PHE B 295 1.88 -26.03 9.88
N GLN B 296 2.87 -25.56 10.64
CA GLN B 296 4.04 -26.38 11.02
C GLN B 296 4.21 -26.48 12.54
N GLN B 297 3.54 -25.60 13.27
CA GLN B 297 3.67 -25.51 14.73
C GLN B 297 2.31 -25.49 15.41
N PRO B 298 2.17 -26.21 16.55
CA PRO B 298 0.89 -26.19 17.28
C PRO B 298 0.82 -24.90 18.11
N GLY B 299 -0.36 -24.62 18.65
CA GLY B 299 -0.55 -23.48 19.57
C GLY B 299 -1.39 -22.34 19.03
N ILE B 300 -1.39 -21.23 19.75
CA ILE B 300 -2.19 -20.07 19.40
C ILE B 300 -1.42 -19.16 18.43
N TYR B 301 -2.12 -18.71 17.40
CA TYR B 301 -1.59 -17.72 16.47
C TYR B 301 -2.56 -16.55 16.47
N ALA B 302 -2.03 -15.35 16.30
CA ALA B 302 -2.85 -14.20 16.08
C ALA B 302 -2.74 -13.86 14.60
N TYR B 303 -3.89 -13.68 13.97
CA TYR B 303 -4.01 -13.19 12.60
C TYR B 303 -4.50 -11.74 12.68
N VAL B 304 -3.66 -10.81 12.22
CA VAL B 304 -3.88 -9.39 12.47
C VAL B 304 -3.69 -8.54 11.20
N ASN B 305 -4.33 -7.39 11.21
CA ASN B 305 -3.89 -6.26 10.39
C ASN B 305 -2.66 -5.71 11.12
N HIS B 306 -1.51 -5.76 10.45
CA HIS B 306 -0.25 -5.41 11.11
C HIS B 306 0.06 -3.88 11.16
N ASN B 307 -0.98 -3.04 11.11
CA ASN B 307 -0.88 -1.80 11.89
C ASN B 307 -1.36 -2.25 13.26
N LEU B 308 -0.41 -2.43 14.16
CA LEU B 308 -0.67 -3.08 15.46
C LEU B 308 -1.59 -2.27 16.36
N ILE B 309 -1.58 -0.94 16.19
CA ILE B 309 -2.64 -0.10 16.82
C ILE B 309 -4.03 -0.54 16.29
N GLU B 310 -4.16 -0.68 14.97
CA GLU B 310 -5.44 -1.12 14.40
C GLU B 310 -5.80 -2.53 14.89
N ALA B 311 -4.78 -3.39 14.98
CA ALA B 311 -4.95 -4.76 15.47
C ALA B 311 -5.39 -4.86 16.92
N PHE B 312 -4.66 -4.19 17.82
CA PHE B 312 -4.78 -4.48 19.23
C PHE B 312 -5.53 -3.39 20.02
N GLU B 313 -5.63 -2.19 19.46
CA GLU B 313 -6.47 -1.12 20.02
C GLU B 313 -7.83 -1.02 19.35
N LEU B 314 -7.85 -1.19 18.02
CA LEU B 314 -9.08 -0.90 17.28
C LEU B 314 -9.89 -2.14 16.96
N GLY B 315 -9.27 -3.33 17.04
CA GLY B 315 -10.03 -4.58 16.98
C GLY B 315 -9.63 -5.62 15.94
N ALA B 316 -8.57 -5.36 15.18
CA ALA B 316 -8.27 -6.17 14.02
C ALA B 316 -7.32 -7.29 14.36
N ALA B 317 -7.79 -8.21 15.22
CA ALA B 317 -7.04 -9.40 15.62
C ALA B 317 -7.97 -10.61 15.75
N ALA B 318 -7.60 -11.70 15.09
CA ALA B 318 -8.29 -12.98 15.20
C ALA B 318 -7.27 -13.98 15.75
N HIS B 319 -7.74 -15.14 16.22
CA HIS B 319 -6.86 -16.22 16.66
C HIS B 319 -7.07 -17.49 15.83
N PHE B 320 -5.99 -18.25 15.66
CA PHE B 320 -6.05 -19.67 15.26
C PHE B 320 -5.63 -20.49 16.46
N LYS B 321 -6.33 -21.60 16.70
CA LYS B 321 -5.92 -22.61 17.66
C LYS B 321 -5.44 -23.78 16.81
N VAL B 322 -4.18 -24.16 16.98
CA VAL B 322 -3.58 -25.22 16.15
C VAL B 322 -3.13 -26.41 17.00
N THR B 323 -3.63 -27.59 16.65
CA THR B 323 -3.32 -28.80 17.41
C THR B 323 -2.12 -29.53 16.78
N GLY B 324 -1.38 -30.30 17.57
CA GLY B 324 -0.28 -31.07 17.00
C GLY B 324 0.98 -31.00 17.85
N GLU B 325 2.05 -31.55 17.29
CA GLU B 325 3.31 -31.75 18.01
C GLU B 325 4.24 -30.58 17.71
N TRP B 326 4.97 -30.14 18.74
CA TRP B 326 5.92 -29.03 18.61
C TRP B 326 7.15 -29.49 17.85
N ASN B 327 7.72 -28.59 17.02
CA ASN B 327 8.89 -28.89 16.21
C ASN B 327 10.07 -28.06 16.74
N ASP B 328 10.94 -28.71 17.53
CA ASP B 328 12.10 -28.06 18.13
C ASP B 328 13.19 -27.72 17.14
N ASP B 329 13.19 -28.42 16.00
CA ASP B 329 14.05 -28.04 14.90
C ASP B 329 13.71 -26.62 14.41
N LEU B 330 12.42 -26.37 14.15
CA LEU B 330 12.00 -25.03 13.66
C LEU B 330 12.20 -23.94 14.70
N MET B 331 11.95 -24.28 15.96
CA MET B 331 12.10 -23.33 17.07
C MET B 331 12.20 -24.04 18.41
N THR B 332 13.20 -23.64 19.19
CA THR B 332 13.28 -24.16 20.55
C THR B 332 13.72 -23.11 21.59
N SER B 333 13.21 -23.25 22.79
CA SER B 333 13.72 -22.46 23.91
C SER B 333 14.92 -23.14 24.53
N VAL B 334 16.11 -22.68 24.15
CA VAL B 334 17.40 -23.21 24.66
C VAL B 334 17.51 -22.95 26.17
N LEU B 335 17.10 -21.76 26.58
CA LEU B 335 17.12 -21.40 27.97
C LEU B 335 15.88 -20.58 28.19
N ALA B 336 14.92 -21.16 28.92
CA ALA B 336 13.65 -20.53 29.20
C ALA B 336 13.90 -19.32 30.10
N PRO B 337 13.01 -18.29 30.04
CA PRO B 337 13.17 -17.12 30.90
C PRO B 337 13.57 -17.47 32.33
N SER B 338 14.74 -16.99 32.75
CA SER B 338 15.30 -17.38 34.05
C SER B 338 16.23 -16.28 34.57
N GLY B 339 16.38 -16.22 35.89
CA GLY B 339 17.18 -15.20 36.56
C GLY B 339 18.59 -15.14 36.02
N ALA C 4 26.86 7.87 -24.72
CA ALA C 4 27.11 8.81 -25.84
C ALA C 4 27.91 10.04 -25.37
N THR C 5 28.76 10.55 -26.29
CA THR C 5 29.53 11.77 -26.06
C THR C 5 28.64 13.00 -26.26
N ALA C 6 29.13 14.15 -25.83
CA ALA C 6 28.44 15.43 -26.07
C ALA C 6 28.24 15.69 -27.57
N ALA C 7 29.27 15.37 -28.36
CA ALA C 7 29.23 15.56 -29.81
C ALA C 7 28.18 14.64 -30.41
N GLU C 8 28.13 13.41 -29.91
CA GLU C 8 27.15 12.43 -30.37
C GLU C 8 25.71 12.88 -30.08
N ILE C 9 25.47 13.42 -28.90
CA ILE C 9 24.14 13.90 -28.51
C ILE C 9 23.73 15.09 -29.38
N ALA C 10 24.67 16.01 -29.59
CA ALA C 10 24.48 17.19 -30.43
C ALA C 10 24.15 16.86 -31.89
N ALA C 11 24.53 15.65 -32.31
CA ALA C 11 24.24 15.16 -33.65
C ALA C 11 22.85 14.52 -33.78
N LEU C 12 22.22 14.20 -32.64
CA LEU C 12 20.93 13.51 -32.66
C LEU C 12 19.78 14.41 -33.15
N PRO C 13 18.78 13.80 -33.82
CA PRO C 13 17.60 14.55 -34.24
C PRO C 13 16.92 15.21 -33.03
N ARG C 14 16.51 16.46 -33.19
CA ARG C 14 15.70 17.18 -32.21
C ARG C 14 14.25 17.20 -32.67
N GLN C 15 13.35 16.75 -31.78
CA GLN C 15 11.93 16.83 -32.06
C GLN C 15 11.23 17.65 -30.98
N LYS C 16 10.54 18.70 -31.42
CA LYS C 16 9.84 19.60 -30.51
C LYS C 16 8.41 19.11 -30.32
N VAL C 17 8.02 18.90 -29.06
CA VAL C 17 6.70 18.38 -28.76
C VAL C 17 5.84 19.48 -28.16
N GLU C 18 4.59 19.53 -28.61
CA GLU C 18 3.62 20.47 -28.12
C GLU C 18 2.67 19.75 -27.14
N LEU C 19 2.74 20.17 -25.88
CA LEU C 19 2.00 19.52 -24.80
C LEU C 19 0.50 19.79 -24.88
N VAL C 20 -0.30 18.84 -24.39
CA VAL C 20 -1.75 19.02 -24.30
C VAL C 20 -2.20 18.79 -22.84
N ASP C 21 -3.37 19.33 -22.49
CA ASP C 21 -3.83 19.33 -21.10
C ASP C 21 -4.33 17.97 -20.64
N PRO C 22 -3.96 17.58 -19.40
CA PRO C 22 -4.60 16.43 -18.77
C PRO C 22 -6.14 16.52 -18.86
N PRO C 23 -6.82 15.39 -19.05
CA PRO C 23 -6.33 14.02 -19.11
C PRO C 23 -5.83 13.56 -20.47
N PHE C 24 -5.83 14.47 -21.47
CA PHE C 24 -5.33 14.11 -22.81
C PHE C 24 -3.81 14.07 -22.86
N VAL C 25 -3.28 13.35 -23.84
CA VAL C 25 -1.85 13.14 -23.98
C VAL C 25 -1.44 13.50 -25.42
N HIS C 26 -0.33 14.22 -25.55
CA HIS C 26 0.17 14.67 -26.85
C HIS C 26 0.48 13.51 -27.80
N ALA C 27 0.47 13.81 -29.10
CA ALA C 27 0.71 12.82 -30.14
C ALA C 27 2.03 12.09 -29.96
N HIS C 28 2.03 10.78 -30.17
CA HIS C 28 3.24 10.00 -30.01
C HIS C 28 3.06 8.68 -30.71
N SER C 29 4.17 7.98 -30.88
CA SER C 29 4.19 6.67 -31.45
C SER C 29 4.49 5.69 -30.32
N GLN C 30 3.73 4.61 -30.23
CA GLN C 30 3.97 3.61 -29.19
C GLN C 30 5.31 2.87 -29.43
N VAL C 31 5.50 2.39 -30.66
CA VAL C 31 6.81 1.89 -31.11
C VAL C 31 7.67 3.09 -31.56
N ALA C 32 8.93 3.13 -31.12
CA ALA C 32 9.81 4.27 -31.38
C ALA C 32 10.16 4.49 -32.86
N GLU C 33 10.16 5.76 -33.26
CA GLU C 33 10.58 6.17 -34.61
C GLU C 33 12.11 6.27 -34.73
N GLY C 34 12.71 5.21 -35.29
CA GLY C 34 14.16 5.13 -35.51
C GLY C 34 14.99 5.19 -34.24
N GLY C 35 16.20 5.72 -34.36
CA GLY C 35 17.11 5.82 -33.23
C GLY C 35 16.77 6.92 -32.24
N PRO C 36 17.56 7.05 -31.16
CA PRO C 36 17.34 8.02 -30.08
C PRO C 36 17.30 9.45 -30.56
N LYS C 37 16.38 10.22 -29.97
CA LYS C 37 16.21 11.63 -30.29
C LYS C 37 16.28 12.48 -29.04
N VAL C 38 16.55 13.78 -29.22
CA VAL C 38 16.41 14.75 -28.15
C VAL C 38 15.02 15.33 -28.29
N VAL C 39 14.12 14.88 -27.41
CA VAL C 39 12.73 15.31 -27.40
C VAL C 39 12.59 16.53 -26.50
N GLU C 40 12.12 17.62 -27.09
CA GLU C 40 12.12 18.92 -26.43
C GLU C 40 10.72 19.30 -26.03
N PHE C 41 10.63 19.84 -24.81
CA PHE C 41 9.39 20.30 -24.21
C PHE C 41 9.67 21.66 -23.57
N THR C 42 8.64 22.48 -23.50
CA THR C 42 8.68 23.73 -22.79
C THR C 42 7.43 23.84 -21.94
N MET C 43 7.61 24.28 -20.71
CA MET C 43 6.51 24.52 -19.79
C MET C 43 6.83 25.75 -19.01
N VAL C 44 5.80 26.58 -18.85
CA VAL C 44 5.83 27.71 -17.94
C VAL C 44 5.17 27.27 -16.64
N ILE C 45 5.80 27.61 -15.51
CA ILE C 45 5.23 27.38 -14.17
C ILE C 45 4.32 28.55 -13.88
N GLU C 46 3.02 28.29 -13.76
CA GLU C 46 2.08 29.36 -13.46
C GLU C 46 1.51 29.25 -12.04
N GLU C 47 1.68 30.31 -11.26
CA GLU C 47 1.00 30.46 -9.98
C GLU C 47 -0.40 31.07 -10.19
N LYS C 48 -1.43 30.32 -9.81
CA LYS C 48 -2.81 30.76 -10.03
C LYS C 48 -3.73 30.23 -8.96
N LYS C 49 -4.78 31.01 -8.66
CA LYS C 49 -5.87 30.55 -7.81
C LYS C 49 -6.72 29.57 -8.59
N ILE C 50 -7.03 28.45 -7.96
CA ILE C 50 -7.95 27.48 -8.51
C ILE C 50 -9.07 27.23 -7.50
N VAL C 51 -10.28 26.98 -8.00
CA VAL C 51 -11.42 26.61 -7.17
C VAL C 51 -11.56 25.10 -7.32
N ILE C 52 -11.64 24.41 -6.19
CA ILE C 52 -11.48 22.95 -6.19
C ILE C 52 -12.76 22.17 -5.83
N ASP C 53 -13.80 22.90 -5.42
CA ASP C 53 -15.09 22.30 -5.09
C ASP C 53 -16.27 23.24 -5.38
N ASP C 54 -17.51 22.74 -5.22
CA ASP C 54 -18.69 23.58 -5.50
C ASP C 54 -18.99 24.63 -4.41
N ALA C 55 -18.18 24.63 -3.35
CA ALA C 55 -18.30 25.61 -2.25
C ALA C 55 -17.47 26.86 -2.50
N GLY C 56 -16.72 26.85 -3.60
CA GLY C 56 -15.87 27.98 -3.97
C GLY C 56 -14.52 27.98 -3.27
N THR C 57 -14.13 26.83 -2.72
CA THR C 57 -12.85 26.67 -2.04
C THR C 57 -11.69 26.92 -2.99
N GLU C 58 -10.79 27.81 -2.57
CA GLU C 58 -9.68 28.21 -3.40
C GLU C 58 -8.40 27.58 -2.90
N VAL C 59 -7.51 27.27 -3.84
CA VAL C 59 -6.14 26.88 -3.55
C VAL C 59 -5.22 27.75 -4.41
N HIS C 60 -4.14 28.23 -3.81
CA HIS C 60 -3.04 28.81 -4.59
C HIS C 60 -2.22 27.69 -5.22
N ALA C 61 -2.51 27.41 -6.48
CA ALA C 61 -1.90 26.31 -7.18
C ALA C 61 -0.59 26.72 -7.82
N MET C 62 0.28 25.73 -7.92
CA MET C 62 1.50 25.84 -8.66
C MET C 62 1.36 24.94 -9.89
N ALA C 63 1.09 25.55 -11.03
CA ALA C 63 0.66 24.75 -12.18
C ALA C 63 1.69 24.73 -13.31
N PHE C 64 2.33 23.58 -13.46
CA PHE C 64 3.17 23.27 -14.62
C PHE C 64 2.34 23.33 -15.91
N ASN C 65 2.78 24.18 -16.86
CA ASN C 65 2.04 24.38 -18.15
C ASN C 65 0.60 24.86 -17.94
N GLY C 66 0.33 25.45 -16.78
CA GLY C 66 -1.00 25.98 -16.43
C GLY C 66 -2.07 24.99 -15.96
N THR C 67 -1.68 23.72 -15.73
CA THR C 67 -2.65 22.72 -15.28
C THR C 67 -2.23 22.02 -13.96
N VAL C 68 -3.22 21.46 -13.25
CA VAL C 68 -3.00 20.51 -12.15
C VAL C 68 -3.73 19.20 -12.52
N PRO C 69 -2.99 18.11 -12.77
CA PRO C 69 -1.55 18.02 -12.73
C PRO C 69 -0.95 18.67 -13.99
N GLY C 70 0.37 18.82 -14.02
CA GLY C 70 1.03 19.25 -15.21
C GLY C 70 0.89 18.14 -16.24
N PRO C 71 1.18 18.46 -17.50
CA PRO C 71 0.88 17.52 -18.57
C PRO C 71 1.82 16.32 -18.60
N LEU C 72 1.33 15.23 -19.19
CA LEU C 72 2.16 14.06 -19.46
C LEU C 72 3.09 14.32 -20.65
N MET C 73 4.39 14.09 -20.43
CA MET C 73 5.40 14.10 -21.49
C MET C 73 5.72 12.66 -21.86
N VAL C 74 5.71 12.37 -23.15
CA VAL C 74 6.00 11.00 -23.62
C VAL C 74 7.28 10.96 -24.44
N VAL C 75 8.22 10.12 -24.00
CA VAL C 75 9.45 9.85 -24.73
C VAL C 75 9.64 8.32 -24.81
N HIS C 76 10.73 7.89 -25.44
CA HIS C 76 11.06 6.47 -25.44
C HIS C 76 12.34 6.24 -24.69
N GLN C 77 12.54 4.99 -24.27
CA GLN C 77 13.72 4.60 -23.52
C GLN C 77 14.95 4.97 -24.32
N ASP C 78 15.85 5.70 -23.68
CA ASP C 78 17.11 6.14 -24.30
C ASP C 78 16.99 7.35 -25.23
N ASP C 79 15.82 7.97 -25.30
CA ASP C 79 15.72 9.34 -25.77
C ASP C 79 16.27 10.24 -24.68
N TYR C 80 16.52 11.50 -25.03
CA TYR C 80 16.84 12.54 -24.07
C TYR C 80 15.62 13.41 -23.99
N LEU C 81 15.20 13.69 -22.75
CA LEU C 81 14.12 14.62 -22.52
C LEU C 81 14.79 15.94 -22.21
N GLU C 82 14.48 16.94 -23.03
CA GLU C 82 15.07 18.26 -22.84
C GLU C 82 13.96 19.25 -22.56
N LEU C 83 13.89 19.70 -21.31
CA LEU C 83 12.82 20.57 -20.84
C LEU C 83 13.34 21.98 -20.67
N THR C 84 12.71 22.91 -21.39
CA THR C 84 12.83 24.33 -21.10
C THR C 84 11.78 24.67 -20.06
N LEU C 85 12.23 25.07 -18.87
CA LEU C 85 11.30 25.41 -17.81
C LEU C 85 11.40 26.89 -17.53
N ILE C 86 10.25 27.55 -17.49
CA ILE C 86 10.19 29.01 -17.44
C ILE C 86 9.38 29.44 -16.23
N ASN C 87 9.97 30.33 -15.43
CA ASN C 87 9.32 30.97 -14.30
C ASN C 87 9.01 32.42 -14.67
N PRO C 88 7.73 32.76 -14.92
CA PRO C 88 7.39 34.12 -15.38
C PRO C 88 7.58 35.17 -14.31
N GLU C 89 7.78 36.41 -14.76
CA GLU C 89 7.94 37.57 -13.87
C GLU C 89 6.75 37.81 -12.93
N THR C 90 5.54 37.42 -13.35
CA THR C 90 4.33 37.59 -12.53
C THR C 90 4.20 36.57 -11.38
N ASN C 91 5.15 35.63 -11.29
CA ASN C 91 5.19 34.64 -10.20
C ASN C 91 5.91 35.21 -8.98
N THR C 92 5.68 34.62 -7.81
CA THR C 92 6.25 35.16 -6.55
C THR C 92 7.35 34.30 -5.92
N LEU C 93 7.45 33.04 -6.36
CA LEU C 93 8.32 32.06 -5.70
C LEU C 93 9.33 31.43 -6.64
N MET C 94 10.38 30.84 -6.05
CA MET C 94 11.30 30.00 -6.80
C MET C 94 10.64 28.64 -7.02
N HIS C 95 10.87 28.07 -8.19
CA HIS C 95 10.37 26.75 -8.52
C HIS C 95 11.48 26.01 -9.19
N ASN C 96 11.32 24.68 -9.25
CA ASN C 96 12.25 23.78 -9.92
C ASN C 96 11.51 22.49 -10.29
N ILE C 97 12.24 21.46 -10.71
CA ILE C 97 11.60 20.20 -11.08
C ILE C 97 12.51 19.00 -10.76
N ASP C 98 11.94 18.02 -10.07
CA ASP C 98 12.50 16.70 -9.85
C ASP C 98 11.79 15.72 -10.78
N PHE C 99 12.51 15.19 -11.76
CA PHE C 99 11.99 14.09 -12.55
C PHE C 99 12.36 12.77 -11.89
N HIS C 100 11.37 12.00 -11.45
CA HIS C 100 11.66 10.63 -10.95
C HIS C 100 12.27 9.73 -12.02
N ALA C 101 12.02 10.05 -13.29
CA ALA C 101 12.62 9.32 -14.43
C ALA C 101 14.13 9.58 -14.58
N ALA C 102 14.62 10.66 -14.00
CA ALA C 102 15.99 11.11 -14.26
C ALA C 102 16.98 10.60 -13.22
N THR C 103 18.27 10.67 -13.56
CA THR C 103 19.34 10.23 -12.68
C THR C 103 20.36 11.34 -12.38
N GLY C 104 20.41 11.75 -11.11
CA GLY C 104 21.38 12.75 -10.65
C GLY C 104 20.75 14.06 -10.22
N ALA C 105 21.48 14.81 -9.41
CA ALA C 105 21.11 16.14 -8.92
C ALA C 105 19.66 16.24 -8.42
N LEU C 106 19.27 15.29 -7.57
CA LEU C 106 17.93 15.25 -6.99
C LEU C 106 16.82 15.24 -8.07
N GLY C 107 17.04 14.44 -9.13
CA GLY C 107 16.10 14.35 -10.25
C GLY C 107 16.05 15.55 -11.19
N GLY C 108 17.03 16.44 -11.09
CA GLY C 108 17.03 17.70 -11.85
C GLY C 108 16.77 18.89 -10.95
N GLY C 109 16.28 18.59 -9.75
CA GLY C 109 15.92 19.63 -8.79
C GLY C 109 17.05 20.59 -8.44
N GLY C 110 18.28 20.08 -8.32
CA GLY C 110 19.40 20.91 -7.90
C GLY C 110 19.95 21.77 -9.03
N LEU C 111 19.53 21.48 -10.26
CA LEU C 111 20.01 22.14 -11.48
C LEU C 111 19.00 23.09 -12.15
N THR C 112 17.78 23.15 -11.60
CA THR C 112 16.64 23.84 -12.23
C THR C 112 15.95 24.87 -11.34
N GLU C 113 16.64 25.32 -10.30
CA GLU C 113 16.06 26.33 -9.40
C GLU C 113 15.98 27.71 -10.08
N ILE C 114 14.78 28.11 -10.49
CA ILE C 114 14.56 29.39 -11.16
C ILE C 114 13.67 30.35 -10.37
N ASN C 115 14.17 31.57 -10.16
CA ASN C 115 13.38 32.66 -9.60
C ASN C 115 12.45 33.27 -10.65
N PRO C 116 11.44 34.05 -10.21
CA PRO C 116 10.56 34.69 -11.21
C PRO C 116 11.37 35.55 -12.18
N GLY C 117 11.11 35.41 -13.48
CA GLY C 117 11.91 36.09 -14.50
C GLY C 117 13.08 35.27 -15.03
N GLU C 118 13.20 34.03 -14.56
CA GLU C 118 14.28 33.15 -15.01
C GLU C 118 13.78 31.92 -15.76
N LYS C 119 14.65 31.38 -16.60
CA LYS C 119 14.40 30.11 -17.27
C LYS C 119 15.62 29.19 -17.14
N THR C 120 15.41 27.90 -17.41
CA THR C 120 16.50 26.94 -17.39
C THR C 120 16.23 25.85 -18.42
N ILE C 121 17.28 25.20 -18.88
CA ILE C 121 17.12 24.05 -19.78
C ILE C 121 17.86 22.85 -19.22
N LEU C 122 17.11 21.76 -19.01
CA LEU C 122 17.62 20.53 -18.45
C LEU C 122 17.49 19.41 -19.45
N ARG C 123 18.53 18.60 -19.57
CA ARG C 123 18.49 17.43 -20.45
C ARG C 123 18.86 16.20 -19.64
N PHE C 124 17.98 15.20 -19.63
CA PHE C 124 18.36 13.92 -19.06
C PHE C 124 18.05 12.77 -20.01
N LYS C 125 18.83 11.71 -19.87
CA LYS C 125 18.65 10.47 -20.63
C LYS C 125 17.56 9.62 -19.91
N ALA C 126 16.52 9.24 -20.65
CA ALA C 126 15.42 8.45 -20.09
C ALA C 126 15.77 6.96 -20.14
N THR C 127 16.64 6.54 -19.22
CA THR C 127 17.23 5.20 -19.32
C THR C 127 16.29 4.06 -18.94
N LYS C 128 15.22 4.39 -18.22
CA LYS C 128 14.30 3.40 -17.65
C LYS C 128 12.87 3.55 -18.16
N PRO C 129 12.27 2.47 -18.71
CA PRO C 129 10.91 2.55 -19.22
C PRO C 129 9.83 2.51 -18.11
N GLY C 130 8.89 3.44 -18.20
CA GLY C 130 7.80 3.46 -17.25
C GLY C 130 7.07 4.76 -17.21
N VAL C 131 6.03 4.81 -16.39
CA VAL C 131 5.41 6.08 -15.98
C VAL C 131 6.07 6.53 -14.68
N PHE C 132 6.41 7.81 -14.60
CA PHE C 132 7.24 8.36 -13.53
C PHE C 132 6.67 9.69 -13.14
N VAL C 133 6.68 9.98 -11.84
CA VAL C 133 6.24 11.28 -11.36
C VAL C 133 7.32 12.34 -11.62
N TYR C 134 6.88 13.57 -11.88
CA TYR C 134 7.75 14.74 -11.68
C TYR C 134 7.05 15.74 -10.78
N HIS C 135 7.85 16.51 -10.04
CA HIS C 135 7.28 17.52 -9.16
C HIS C 135 8.27 18.63 -8.87
N CYS C 136 7.71 19.76 -8.48
CA CYS C 136 8.48 20.85 -7.93
C CYS C 136 9.04 20.40 -6.58
N ALA C 137 10.24 20.88 -6.24
CA ALA C 137 10.89 20.49 -4.98
C ALA C 137 11.88 21.57 -4.48
N PRO C 138 11.35 22.74 -4.09
CA PRO C 138 12.30 23.76 -3.65
C PRO C 138 12.73 23.50 -2.20
N PRO C 139 14.05 23.40 -1.95
CA PRO C 139 14.63 23.17 -0.63
C PRO C 139 13.97 24.02 0.46
N GLY C 140 13.54 23.37 1.55
CA GLY C 140 12.86 24.06 2.63
C GLY C 140 11.35 24.15 2.48
N MET C 141 10.85 23.96 1.25
CA MET C 141 9.40 24.09 0.97
C MET C 141 8.85 22.96 0.08
N VAL C 142 9.42 21.74 0.22
CA VAL C 142 9.11 20.66 -0.72
C VAL C 142 7.64 20.20 -0.72
N PRO C 143 7.11 19.72 0.44
CA PRO C 143 5.73 19.20 0.37
C PRO C 143 4.68 20.28 0.13
N TRP C 144 4.91 21.50 0.62
CA TRP C 144 4.00 22.62 0.29
C TRP C 144 3.77 22.85 -1.23
N HIS C 145 4.84 22.97 -1.99
CA HIS C 145 4.73 23.12 -3.44
C HIS C 145 4.05 21.92 -4.10
N VAL C 146 4.37 20.72 -3.61
CA VAL C 146 3.81 19.47 -4.16
C VAL C 146 2.29 19.38 -3.93
N VAL C 147 1.84 19.67 -2.71
CA VAL C 147 0.43 19.63 -2.40
C VAL C 147 -0.35 20.88 -2.85
N SER C 148 0.35 21.84 -3.46
CA SER C 148 -0.27 22.96 -4.18
C SER C 148 -0.46 22.63 -5.68
N GLY C 149 -0.29 21.36 -6.04
CA GLY C 149 -0.52 20.90 -7.39
C GLY C 149 0.70 20.94 -8.29
N GLY C 150 1.86 21.15 -7.70
CA GLY C 150 3.09 21.23 -8.47
C GLY C 150 3.69 19.87 -8.76
N ASN C 151 3.00 19.07 -9.57
CA ASN C 151 3.42 17.73 -9.94
C ASN C 151 2.68 17.28 -11.19
N GLY C 152 3.29 16.34 -11.92
CA GLY C 152 2.66 15.67 -13.05
C GLY C 152 3.37 14.34 -13.26
N ALA C 153 3.42 13.88 -14.51
CA ALA C 153 4.09 12.65 -14.85
C ALA C 153 4.70 12.68 -16.24
N ILE C 154 5.60 11.74 -16.48
CA ILE C 154 6.03 11.40 -17.83
C ILE C 154 5.83 9.91 -18.09
N MET C 155 5.85 9.55 -19.36
CA MET C 155 5.88 8.14 -19.74
C MET C 155 7.07 7.92 -20.65
N VAL C 156 7.94 6.99 -20.24
CA VAL C 156 9.04 6.49 -21.04
C VAL C 156 8.63 5.11 -21.62
N LEU C 157 8.14 5.11 -22.85
CA LEU C 157 7.73 3.87 -23.53
C LEU C 157 8.94 3.00 -23.94
N PRO C 158 8.81 1.66 -23.84
CA PRO C 158 9.84 0.81 -24.42
C PRO C 158 9.92 1.10 -25.92
N ARG C 159 11.12 1.09 -26.48
CA ARG C 159 11.28 1.42 -27.91
C ARG C 159 10.37 0.53 -28.77
N GLU C 160 10.11 -0.69 -28.31
CA GLU C 160 9.26 -1.63 -29.04
C GLU C 160 7.76 -1.56 -28.64
N GLY C 161 7.38 -0.50 -27.92
CA GLY C 161 6.00 -0.39 -27.41
C GLY C 161 5.77 -1.24 -26.18
N LEU C 162 4.52 -1.32 -25.73
CA LEU C 162 4.19 -2.08 -24.53
C LEU C 162 3.96 -3.55 -24.82
N HIS C 163 4.30 -4.38 -23.83
CA HIS C 163 4.00 -5.83 -23.88
C HIS C 163 3.41 -6.32 -22.57
N ASP C 164 2.85 -7.52 -22.58
CA ASP C 164 2.41 -8.19 -21.37
C ASP C 164 3.61 -8.93 -20.76
N GLY C 165 3.39 -9.68 -19.68
CA GLY C 165 4.49 -10.45 -19.08
C GLY C 165 5.18 -11.44 -20.01
N LYS C 166 4.49 -11.86 -21.07
CA LYS C 166 4.93 -12.99 -21.90
C LYS C 166 5.46 -12.60 -23.29
N GLY C 167 5.17 -11.37 -23.72
CA GLY C 167 5.71 -10.88 -24.98
C GLY C 167 4.71 -10.59 -26.09
N LYS C 168 3.42 -10.81 -25.83
CA LYS C 168 2.37 -10.36 -26.75
C LYS C 168 2.32 -8.84 -26.65
N ALA C 169 2.29 -8.17 -27.79
CA ALA C 169 2.17 -6.72 -27.82
C ALA C 169 0.87 -6.27 -27.20
N LEU C 170 0.91 -5.11 -26.54
CA LEU C 170 -0.28 -4.46 -25.99
C LEU C 170 -0.29 -3.08 -26.59
N THR C 171 -1.30 -2.81 -27.42
CA THR C 171 -1.38 -1.55 -28.14
C THR C 171 -2.67 -0.83 -27.78
N TYR C 172 -2.56 0.34 -27.17
CA TYR C 172 -3.76 1.07 -26.76
C TYR C 172 -4.28 1.89 -27.93
N ASP C 173 -5.59 2.00 -28.00
CA ASP C 173 -6.27 2.91 -28.93
C ASP C 173 -6.35 4.32 -28.35
N LYS C 174 -6.56 4.39 -27.04
CA LYS C 174 -6.65 5.67 -26.32
C LYS C 174 -5.76 5.66 -25.08
N ILE C 175 -5.36 6.85 -24.64
CA ILE C 175 -4.58 7.01 -23.41
C ILE C 175 -5.07 8.24 -22.65
N TYR C 176 -5.27 8.08 -21.35
CA TYR C 176 -5.69 9.17 -20.48
C TYR C 176 -4.76 9.33 -19.29
N TYR C 177 -4.52 10.58 -18.90
CA TYR C 177 -3.70 10.84 -17.73
C TYR C 177 -4.48 11.47 -16.56
N VAL C 178 -4.60 10.70 -15.47
CA VAL C 178 -5.27 11.16 -14.24
C VAL C 178 -4.20 11.50 -13.18
N GLY C 179 -4.11 12.78 -12.82
CA GLY C 179 -3.21 13.19 -11.75
C GLY C 179 -4.08 13.36 -10.53
N GLU C 180 -3.74 12.65 -9.46
CA GLU C 180 -4.56 12.71 -8.26
C GLU C 180 -3.90 13.62 -7.23
N GLN C 181 -4.70 14.49 -6.65
CA GLN C 181 -4.16 15.54 -5.81
C GLN C 181 -4.78 15.61 -4.42
N ASP C 182 -3.94 15.51 -3.40
CA ASP C 182 -4.37 15.77 -2.04
C ASP C 182 -4.11 17.24 -1.67
N PHE C 183 -5.14 17.92 -1.21
CA PHE C 183 -5.11 19.33 -0.78
C PHE C 183 -5.42 19.45 0.70
N TYR C 184 -4.87 20.49 1.31
CA TYR C 184 -4.91 20.69 2.74
C TYR C 184 -5.30 22.14 2.94
N VAL C 185 -6.61 22.38 2.86
CA VAL C 185 -7.17 23.74 2.87
C VAL C 185 -7.59 24.12 4.28
N PRO C 186 -6.96 25.17 4.84
CA PRO C 186 -7.28 25.64 6.19
C PRO C 186 -8.73 26.10 6.31
N ARG C 187 -9.29 25.90 7.51
CA ARG C 187 -10.65 26.29 7.85
C ARG C 187 -10.60 27.29 8.99
N ASP C 188 -11.64 28.12 9.08
CA ASP C 188 -11.80 29.00 10.25
C ASP C 188 -12.53 28.29 11.38
N GLU C 189 -12.89 29.05 12.42
CA GLU C 189 -13.54 28.48 13.61
C GLU C 189 -14.97 27.99 13.37
N ASN C 190 -15.56 28.39 12.25
CA ASN C 190 -16.89 27.96 11.85
C ASN C 190 -16.84 26.83 10.83
N GLY C 191 -15.65 26.28 10.59
CA GLY C 191 -15.48 25.16 9.65
C GLY C 191 -15.52 25.58 8.20
N LYS C 192 -15.30 26.86 7.96
CA LYS C 192 -15.37 27.44 6.63
C LYS C 192 -13.97 27.53 6.03
N TYR C 193 -13.82 27.17 4.76
CA TYR C 193 -12.51 27.27 4.12
C TYR C 193 -12.04 28.71 3.92
N LYS C 194 -10.79 28.97 4.30
CA LYS C 194 -10.24 30.34 4.28
C LYS C 194 -9.73 30.71 2.89
N LYS C 195 -9.70 32.01 2.62
CA LYS C 195 -9.20 32.53 1.36
C LYS C 195 -8.02 33.46 1.60
N TYR C 196 -7.10 33.51 0.65
CA TYR C 196 -5.90 34.33 0.77
C TYR C 196 -5.61 35.13 -0.50
N GLU C 197 -4.88 36.23 -0.37
CA GLU C 197 -4.63 37.12 -1.50
C GLU C 197 -3.23 36.91 -2.08
N ALA C 198 -2.46 36.04 -1.43
CA ALA C 198 -1.12 35.71 -1.90
C ALA C 198 -0.79 34.28 -1.46
N PRO C 199 -0.04 33.53 -2.31
CA PRO C 199 0.33 32.16 -1.94
C PRO C 199 1.02 32.10 -0.56
N GLY C 200 2.01 32.96 -0.36
CA GLY C 200 2.71 33.06 0.92
C GLY C 200 1.84 33.24 2.15
N ASP C 201 0.70 33.93 2.00
CA ASP C 201 -0.20 34.18 3.14
C ASP C 201 -0.81 32.90 3.74
N ALA C 202 -0.96 31.87 2.90
CA ALA C 202 -1.59 30.62 3.31
C ALA C 202 -0.60 29.64 3.95
N TYR C 203 0.70 29.91 3.83
CA TYR C 203 1.73 28.96 4.22
C TYR C 203 1.60 28.32 5.62
N GLU C 204 1.62 29.16 6.66
CA GLU C 204 1.53 28.69 8.04
C GLU C 204 0.26 27.89 8.30
N ASP C 205 -0.87 28.45 7.86
CA ASP C 205 -2.16 27.77 8.03
C ASP C 205 -2.19 26.39 7.37
N THR C 206 -1.65 26.32 6.16
CA THR C 206 -1.62 25.09 5.37
C THR C 206 -0.73 24.02 6.03
N VAL C 207 0.44 24.44 6.52
CA VAL C 207 1.39 23.52 7.16
C VAL C 207 0.78 22.84 8.39
N LYS C 208 -0.05 23.58 9.10
CA LYS C 208 -0.75 23.04 10.26
C LYS C 208 -1.68 21.89 9.85
N VAL C 209 -2.41 22.09 8.75
CA VAL C 209 -3.35 21.08 8.19
C VAL C 209 -2.57 19.87 7.64
N MET C 210 -1.52 20.16 6.88
CA MET C 210 -0.60 19.13 6.34
C MET C 210 -0.10 18.14 7.41
N ARG C 211 0.24 18.65 8.58
CA ARG C 211 0.79 17.86 9.65
C ARG C 211 -0.25 16.86 10.25
N THR C 212 -1.54 17.07 9.99
CA THR C 212 -2.59 16.14 10.42
C THR C 212 -2.62 14.91 9.49
N LEU C 213 -1.88 14.98 8.38
CA LEU C 213 -1.89 13.90 7.36
C LEU C 213 -3.29 13.55 6.85
N THR C 214 -4.22 14.48 6.99
CA THR C 214 -5.59 14.25 6.56
C THR C 214 -5.97 15.33 5.56
N PRO C 215 -6.02 14.98 4.27
CA PRO C 215 -6.42 16.00 3.27
C PRO C 215 -7.87 16.42 3.46
N THR C 216 -8.17 17.68 3.13
CA THR C 216 -9.54 18.17 3.16
C THR C 216 -10.23 17.78 1.85
N HIS C 217 -9.44 17.64 0.78
CA HIS C 217 -9.93 17.27 -0.54
C HIS C 217 -8.93 16.30 -1.18
N VAL C 218 -9.45 15.36 -1.95
CA VAL C 218 -8.62 14.47 -2.74
C VAL C 218 -9.31 14.46 -4.11
N VAL C 219 -8.65 15.00 -5.13
CA VAL C 219 -9.31 15.26 -6.42
C VAL C 219 -8.50 14.78 -7.63
N PHE C 220 -9.18 14.63 -8.76
CA PHE C 220 -8.52 14.28 -10.01
C PHE C 220 -8.51 15.52 -10.87
N ASN C 221 -7.47 15.68 -11.67
CA ASN C 221 -7.34 16.82 -12.59
C ASN C 221 -7.68 18.15 -11.89
N GLY C 222 -7.27 18.30 -10.63
CA GLY C 222 -7.34 19.58 -9.88
C GLY C 222 -8.63 20.09 -9.26
N ALA C 223 -9.73 19.34 -9.37
CA ALA C 223 -11.02 19.78 -8.81
C ALA C 223 -12.01 18.64 -8.67
N VAL C 224 -12.91 18.76 -7.71
CA VAL C 224 -14.09 17.91 -7.62
C VAL C 224 -14.86 18.00 -8.95
N GLY C 225 -15.17 16.84 -9.54
CA GLY C 225 -15.92 16.80 -10.80
C GLY C 225 -15.17 17.18 -12.06
N ALA C 226 -13.84 17.33 -11.98
CA ALA C 226 -13.03 17.69 -13.14
C ALA C 226 -13.12 16.67 -14.27
N LEU C 227 -13.29 15.41 -13.90
CA LEU C 227 -13.39 14.35 -14.89
C LEU C 227 -14.76 13.66 -14.89
N THR C 228 -15.78 14.39 -14.48
CA THR C 228 -17.14 13.87 -14.54
C THR C 228 -18.04 14.71 -15.46
N GLY C 229 -19.26 14.24 -15.64
CA GLY C 229 -20.25 14.92 -16.47
C GLY C 229 -19.78 15.09 -17.91
N ASP C 230 -19.55 16.35 -18.26
CA ASP C 230 -19.09 16.73 -19.58
C ASP C 230 -17.63 16.39 -19.81
N LYS C 231 -16.83 16.48 -18.74
CA LYS C 231 -15.40 16.23 -18.83
C LYS C 231 -15.05 14.75 -18.56
N ALA C 232 -16.08 13.89 -18.63
CA ALA C 232 -15.92 12.44 -18.60
C ALA C 232 -15.00 11.95 -19.72
N MET C 233 -14.13 11.02 -19.38
CA MET C 233 -13.34 10.33 -20.38
C MET C 233 -14.28 9.45 -21.21
N THR C 234 -13.90 9.18 -22.45
CA THR C 234 -14.76 8.46 -23.36
C THR C 234 -14.07 7.25 -23.96
N ALA C 235 -14.86 6.25 -24.29
CA ALA C 235 -14.40 5.06 -24.99
C ALA C 235 -15.58 4.37 -25.71
N ALA C 236 -15.26 3.30 -26.45
CA ALA C 236 -16.27 2.47 -27.10
C ALA C 236 -15.97 1.02 -26.77
N VAL C 237 -17.01 0.18 -26.73
CA VAL C 237 -16.82 -1.25 -26.56
C VAL C 237 -15.78 -1.75 -27.58
N GLY C 238 -14.76 -2.45 -27.08
CA GLY C 238 -13.71 -3.00 -27.96
C GLY C 238 -12.44 -2.17 -28.03
N GLU C 239 -12.51 -0.92 -27.54
CA GLU C 239 -11.36 -0.02 -27.52
C GLU C 239 -10.41 -0.43 -26.41
N LYS C 240 -9.12 -0.33 -26.69
CA LYS C 240 -8.09 -0.61 -25.71
C LYS C 240 -7.61 0.72 -25.11
N VAL C 241 -7.77 0.88 -23.80
CA VAL C 241 -7.45 2.16 -23.16
C VAL C 241 -6.35 1.97 -22.09
N LEU C 242 -5.34 2.84 -22.15
CA LEU C 242 -4.35 2.97 -21.07
C LEU C 242 -4.71 4.15 -20.15
N ILE C 243 -4.81 3.89 -18.84
CA ILE C 243 -5.06 4.95 -17.86
C ILE C 243 -3.80 5.08 -17.00
N VAL C 244 -3.09 6.19 -17.21
CA VAL C 244 -1.95 6.53 -16.37
C VAL C 244 -2.51 7.33 -15.18
N HIS C 245 -2.01 7.03 -13.98
CA HIS C 245 -2.51 7.63 -12.75
C HIS C 245 -1.27 7.94 -11.91
N SER C 246 -1.18 9.16 -11.38
CA SER C 246 -0.05 9.53 -10.55
C SER C 246 -0.56 10.14 -9.25
N GLN C 247 0.28 10.07 -8.23
CA GLN C 247 0.01 10.74 -6.97
C GLN C 247 1.40 11.03 -6.38
N ALA C 248 1.75 12.32 -6.27
CA ALA C 248 3.12 12.73 -5.91
C ALA C 248 3.41 12.66 -4.41
N ASN C 249 2.36 12.58 -3.60
CA ASN C 249 2.52 12.74 -2.17
C ASN C 249 1.87 11.68 -1.29
N ARG C 250 0.80 11.07 -1.78
CA ARG C 250 -0.05 10.23 -0.93
C ARG C 250 -0.51 8.99 -1.68
N ASP C 251 -0.68 7.87 -0.97
CA ASP C 251 -1.15 6.63 -1.59
C ASP C 251 -2.53 6.76 -2.25
N THR C 252 -2.75 5.95 -3.27
CA THR C 252 -4.06 5.80 -3.87
C THR C 252 -4.33 4.37 -4.30
N ARG C 253 -5.62 4.05 -4.49
CA ARG C 253 -6.04 2.70 -4.84
C ARG C 253 -7.06 2.76 -5.99
N PRO C 254 -6.59 2.94 -7.25
CA PRO C 254 -7.54 3.16 -8.34
C PRO C 254 -8.41 1.95 -8.62
N HIS C 255 -9.63 2.22 -9.05
CA HIS C 255 -10.60 1.20 -9.39
C HIS C 255 -11.57 1.74 -10.44
N LEU C 256 -11.74 0.94 -11.50
CA LEU C 256 -12.70 1.21 -12.57
C LEU C 256 -13.98 0.44 -12.26
N ILE C 257 -14.96 1.17 -11.70
CA ILE C 257 -16.25 0.56 -11.30
C ILE C 257 -17.05 0.18 -12.53
N GLY C 258 -17.33 -1.11 -12.66
CA GLY C 258 -17.94 -1.68 -13.87
C GLY C 258 -16.91 -2.37 -14.76
N GLY C 259 -15.62 -2.09 -14.51
CA GLY C 259 -14.53 -2.64 -15.31
C GLY C 259 -13.47 -3.35 -14.48
N HIS C 260 -12.27 -3.46 -15.03
CA HIS C 260 -11.12 -4.10 -14.39
C HIS C 260 -9.85 -3.43 -14.93
N GLY C 261 -8.70 -3.77 -14.38
CA GLY C 261 -7.44 -3.46 -15.00
C GLY C 261 -6.91 -4.74 -15.60
N ASP C 262 -7.13 -4.95 -16.90
CA ASP C 262 -6.72 -6.21 -17.54
C ASP C 262 -5.24 -6.46 -17.31
N TYR C 263 -4.45 -5.41 -17.50
CA TYR C 263 -3.01 -5.44 -17.22
C TYR C 263 -2.68 -4.18 -16.44
N VAL C 264 -2.02 -4.33 -15.31
CA VAL C 264 -1.71 -3.16 -14.50
C VAL C 264 -0.23 -3.18 -14.13
N TRP C 265 0.51 -2.20 -14.65
CA TRP C 265 1.87 -1.92 -14.13
C TRP C 265 1.68 -1.08 -12.86
N ALA C 266 1.47 -1.73 -11.71
CA ALA C 266 1.06 -1.00 -10.50
C ALA C 266 2.19 -0.14 -9.96
N THR C 267 3.41 -0.64 -10.17
CA THR C 267 4.65 0.08 -9.84
C THR C 267 4.97 1.16 -10.90
N GLY C 268 4.28 1.08 -12.04
CA GLY C 268 4.46 2.02 -13.15
C GLY C 268 5.67 1.75 -14.04
N LYS C 269 6.38 0.64 -13.80
CA LYS C 269 7.64 0.37 -14.49
C LYS C 269 7.50 -0.83 -15.44
N PHE C 270 7.84 -0.59 -16.70
CA PHE C 270 7.44 -1.48 -17.78
C PHE C 270 8.29 -2.74 -17.86
N ASN C 271 9.47 -2.71 -17.24
CA ASN C 271 10.28 -3.91 -17.12
C ASN C 271 9.85 -4.82 -15.98
N THR C 272 8.96 -4.32 -15.14
CA THR C 272 8.31 -5.14 -14.12
C THR C 272 7.00 -5.64 -14.71
N PRO C 273 6.85 -6.96 -14.87
CA PRO C 273 5.64 -7.46 -15.55
C PRO C 273 4.34 -7.01 -14.85
N PRO C 274 3.31 -6.66 -15.65
CA PRO C 274 2.07 -6.14 -15.09
C PRO C 274 1.30 -7.22 -14.34
N ASP C 275 0.58 -6.81 -13.31
CA ASP C 275 -0.45 -7.66 -12.71
C ASP C 275 -1.62 -7.80 -13.70
N VAL C 276 -2.43 -8.84 -13.54
CA VAL C 276 -3.56 -9.05 -14.47
C VAL C 276 -4.89 -9.23 -13.76
N ASP C 277 -5.97 -8.93 -14.50
CA ASP C 277 -7.35 -9.13 -14.05
C ASP C 277 -7.67 -8.38 -12.75
N GLN C 278 -7.06 -7.21 -12.59
CA GLN C 278 -7.13 -6.45 -11.33
C GLN C 278 -8.49 -5.84 -11.05
N GLU C 279 -8.94 -5.95 -9.80
CA GLU C 279 -10.14 -5.20 -9.38
C GLU C 279 -9.77 -3.77 -8.96
N THR C 280 -8.78 -3.66 -8.06
CA THR C 280 -8.33 -2.42 -7.48
C THR C 280 -6.80 -2.53 -7.38
N TRP C 281 -6.11 -1.54 -7.91
CA TRP C 281 -4.66 -1.53 -7.83
C TRP C 281 -4.20 -0.47 -6.85
N PHE C 282 -2.90 -0.44 -6.59
CA PHE C 282 -2.34 0.39 -5.53
C PHE C 282 -1.11 1.12 -6.04
N ILE C 283 -1.15 2.44 -5.89
CA ILE C 283 -0.06 3.32 -6.31
C ILE C 283 0.38 4.14 -5.10
N PRO C 284 1.63 3.90 -4.63
CA PRO C 284 2.11 4.62 -3.44
C PRO C 284 2.31 6.10 -3.71
N GLY C 285 2.13 6.95 -2.69
CA GLY C 285 2.55 8.35 -2.86
C GLY C 285 3.98 8.44 -3.39
N GLY C 286 4.18 9.30 -4.38
CA GLY C 286 5.50 9.48 -5.01
C GLY C 286 5.71 8.63 -6.25
N ALA C 287 4.64 8.06 -6.78
CA ALA C 287 4.72 7.21 -7.97
C ALA C 287 3.57 7.40 -8.95
N ALA C 288 3.75 6.88 -10.16
CA ALA C 288 2.67 6.74 -11.11
C ALA C 288 2.56 5.26 -11.43
N GLY C 289 1.37 4.85 -11.84
CA GLY C 289 1.09 3.50 -12.29
C GLY C 289 0.33 3.65 -13.61
N ALA C 290 0.09 2.52 -14.26
CA ALA C 290 -0.65 2.49 -15.52
C ALA C 290 -1.48 1.22 -15.59
N ALA C 291 -2.73 1.36 -16.03
CA ALA C 291 -3.61 0.21 -16.23
C ALA C 291 -4.10 0.14 -17.70
N PHE C 292 -4.07 -1.06 -18.26
CA PHE C 292 -4.53 -1.29 -19.62
C PHE C 292 -5.83 -2.08 -19.52
N TYR C 293 -6.90 -1.55 -20.13
CA TYR C 293 -8.21 -2.22 -20.18
C TYR C 293 -8.87 -2.13 -21.56
N THR C 294 -9.51 -3.23 -21.95
CA THR C 294 -10.37 -3.25 -23.14
C THR C 294 -11.83 -3.21 -22.67
N PHE C 295 -12.55 -2.16 -23.05
CA PHE C 295 -13.95 -2.03 -22.68
C PHE C 295 -14.83 -3.09 -23.37
N GLN C 296 -15.79 -3.64 -22.63
CA GLN C 296 -16.65 -4.74 -23.09
C GLN C 296 -18.12 -4.40 -23.01
N GLN C 297 -18.43 -3.40 -22.20
CA GLN C 297 -19.79 -2.99 -21.94
C GLN C 297 -19.90 -1.49 -22.14
N PRO C 298 -21.03 -1.04 -22.72
CA PRO C 298 -21.27 0.39 -22.86
C PRO C 298 -21.78 0.95 -21.54
N GLY C 299 -21.83 2.27 -21.40
CA GLY C 299 -22.43 2.89 -20.23
C GLY C 299 -21.48 3.75 -19.43
N ILE C 300 -21.97 4.30 -18.32
CA ILE C 300 -21.17 5.11 -17.41
C ILE C 300 -20.37 4.21 -16.46
N TYR C 301 -19.06 4.42 -16.41
CA TYR C 301 -18.18 3.84 -15.39
C TYR C 301 -17.72 4.93 -14.45
N ALA C 302 -17.54 4.58 -13.18
CA ALA C 302 -16.85 5.46 -12.25
C ALA C 302 -15.42 4.95 -12.03
N TYR C 303 -14.44 5.81 -12.29
CA TYR C 303 -13.05 5.52 -12.02
C TYR C 303 -12.71 6.28 -10.73
N VAL C 304 -12.33 5.53 -9.69
CA VAL C 304 -12.26 6.09 -8.32
C VAL C 304 -11.01 5.68 -7.57
N ASN C 305 -10.64 6.48 -6.56
CA ASN C 305 -9.71 6.07 -5.51
C ASN C 305 -10.62 5.22 -4.61
N HIS C 306 -10.34 3.91 -4.49
CA HIS C 306 -11.28 3.05 -3.80
C HIS C 306 -11.22 3.06 -2.26
N ASN C 307 -10.66 4.12 -1.66
CA ASN C 307 -11.21 4.53 -0.37
C ASN C 307 -12.41 5.39 -0.76
N LEU C 308 -13.59 4.79 -0.64
CA LEU C 308 -14.84 5.42 -1.12
C LEU C 308 -15.20 6.71 -0.37
N ILE C 309 -14.67 6.89 0.85
CA ILE C 309 -14.76 8.21 1.50
C ILE C 309 -13.93 9.23 0.71
N GLU C 310 -12.69 8.87 0.40
CA GLU C 310 -11.86 9.73 -0.42
C GLU C 310 -12.50 10.04 -1.78
N ALA C 311 -13.16 9.04 -2.36
CA ALA C 311 -13.79 9.19 -3.67
C ALA C 311 -15.07 10.02 -3.63
N PHE C 312 -15.99 9.64 -2.76
CA PHE C 312 -17.34 10.21 -2.82
C PHE C 312 -17.61 11.30 -1.79
N GLU C 313 -16.71 11.43 -0.82
CA GLU C 313 -16.81 12.50 0.18
C GLU C 313 -15.75 13.57 -0.09
N LEU C 314 -14.57 13.14 -0.49
CA LEU C 314 -13.46 14.10 -0.67
C LEU C 314 -13.16 14.55 -2.12
N GLY C 315 -13.71 13.86 -3.12
CA GLY C 315 -13.64 14.28 -4.53
C GLY C 315 -12.91 13.37 -5.52
N ALA C 316 -12.41 12.23 -5.07
CA ALA C 316 -11.56 11.39 -5.94
C ALA C 316 -12.39 10.43 -6.81
N ALA C 317 -13.21 11.03 -7.68
CA ALA C 317 -14.09 10.26 -8.59
C ALA C 317 -14.11 10.90 -9.97
N ALA C 318 -13.93 10.05 -10.99
CA ALA C 318 -14.01 10.44 -12.40
C ALA C 318 -15.07 9.56 -13.07
N HIS C 319 -15.55 9.98 -14.25
CA HIS C 319 -16.38 9.12 -15.11
C HIS C 319 -15.75 8.75 -16.47
N PHE C 320 -16.03 7.52 -16.92
CA PHE C 320 -15.91 7.14 -18.33
C PHE C 320 -17.31 6.99 -18.93
N LYS C 321 -17.50 7.54 -20.12
CA LYS C 321 -18.72 7.34 -20.92
C LYS C 321 -18.40 6.42 -22.08
N VAL C 322 -19.00 5.25 -22.12
CA VAL C 322 -18.63 4.23 -23.10
C VAL C 322 -19.81 3.93 -24.04
N THR C 323 -19.55 4.02 -25.34
CA THR C 323 -20.60 3.79 -26.34
C THR C 323 -20.53 2.33 -26.78
N GLY C 324 -21.60 1.84 -27.38
CA GLY C 324 -21.59 0.47 -27.89
C GLY C 324 -22.77 -0.38 -27.50
N GLU C 325 -22.71 -1.64 -27.89
CA GLU C 325 -23.79 -2.60 -27.69
C GLU C 325 -23.62 -3.33 -26.35
N TRP C 326 -24.71 -3.43 -25.61
CA TRP C 326 -24.75 -4.19 -24.36
C TRP C 326 -24.58 -5.70 -24.60
N ASN C 327 -23.78 -6.33 -23.73
CA ASN C 327 -23.47 -7.75 -23.81
C ASN C 327 -24.19 -8.52 -22.72
N ASP C 328 -25.26 -9.23 -23.11
CA ASP C 328 -26.07 -9.95 -22.14
C ASP C 328 -25.43 -11.23 -21.64
N ASP C 329 -24.40 -11.70 -22.35
CA ASP C 329 -23.66 -12.84 -21.89
C ASP C 329 -22.83 -12.46 -20.65
N LEU C 330 -22.14 -11.34 -20.73
CA LEU C 330 -21.36 -10.85 -19.58
C LEU C 330 -22.21 -10.51 -18.37
N MET C 331 -23.34 -9.84 -18.61
CA MET C 331 -24.23 -9.42 -17.53
C MET C 331 -25.62 -9.20 -18.03
N THR C 332 -26.60 -9.74 -17.30
CA THR C 332 -27.99 -9.44 -17.61
C THR C 332 -28.88 -9.37 -16.38
N SER C 333 -29.90 -8.52 -16.45
CA SER C 333 -30.94 -8.44 -15.44
C SER C 333 -32.01 -9.48 -15.73
N VAL C 334 -31.93 -10.60 -15.02
CA VAL C 334 -32.87 -11.68 -15.17
C VAL C 334 -34.25 -11.25 -14.67
N LEU C 335 -34.27 -10.58 -13.53
CA LEU C 335 -35.51 -9.98 -13.03
C LEU C 335 -35.21 -8.58 -12.56
N ALA C 336 -35.70 -7.58 -13.31
CA ALA C 336 -35.51 -6.18 -12.94
C ALA C 336 -36.15 -5.91 -11.58
N PRO C 337 -35.65 -4.87 -10.85
CA PRO C 337 -36.22 -4.52 -9.54
C PRO C 337 -37.75 -4.44 -9.59
N SER C 338 -38.41 -5.17 -8.70
CA SER C 338 -39.86 -5.32 -8.72
C SER C 338 -40.39 -5.86 -7.39
N GLY C 339 -41.69 -5.68 -7.15
CA GLY C 339 -42.36 -6.16 -5.93
C GLY C 339 -42.06 -7.62 -5.62
#